data_1T5W
#
_entry.id   1T5W
#
_cell.length_a   96.554
_cell.length_b   112.646
_cell.length_c   206.976
_cell.angle_alpha   90
_cell.angle_beta   90
_cell.angle_gamma   90
#
_symmetry.space_group_name_H-M   'C 2 2 21'
#
loop_
_entity.id
_entity.type
_entity.pdbx_description
1 polymer 'HLA class II histocompatibility antigen, DR alpha chain'
2 polymer 'HLA class II histocompatibility antigen, DRB1-1 beta chain'
3 polymer '15-mer peptide fragment of Regulatory protein MIG1'
4 water water
#
loop_
_entity_poly.entity_id
_entity_poly.type
_entity_poly.pdbx_seq_one_letter_code
_entity_poly.pdbx_strand_id
1 'polypeptide(L)'
;KEEHVIIQAEFYLNPDQSGEFMFDFDGDEIFHVDMAKKETVWRLEEFGRFASFEAQGALANIAVDKANLEIMTKRSNYTP
ITNVPPEVTVLTNSPVELREPNVLICFIDKFTPPVVNVTWLRNGKPVTTGVSETVFLPREDHLFRKFHYLPFLPSTEDVY
DCRVEHWGLDEPLLKHWEFD
;
A,D
2 'polypeptide(L)'
;GDTRPRFLWQLKFECHFFNGTERVRLLERCIYNQEESVRFDSDVGEYRAVTELGRPDAEYWNSQKDLLEQRRAAVDTYCR
HNYGVGESFTVQRRVEPKVTVYPSKTQPLQHHNLLVCSVSGFYPGSIEVRWFRNGQEEKAGVVSTGLIQNGDWTFQTLVM
LETVPRSGEVYTCQVEHPSVTSPLTVEWRA
;
B,E
3 'polypeptide(L)' AAYSDQATPLLLSPR C,F
#
# COMPACT_ATOMS: atom_id res chain seq x y z
N LYS A 1 5.70 -11.71 -22.17
CA LYS A 1 5.42 -10.72 -21.10
C LYS A 1 5.73 -9.32 -21.62
N GLU A 2 6.44 -8.52 -20.84
CA GLU A 2 6.82 -7.14 -21.22
C GLU A 2 8.23 -6.82 -20.70
N GLU A 3 9.11 -6.37 -21.59
CA GLU A 3 10.48 -6.09 -21.21
C GLU A 3 10.84 -4.72 -20.62
N HIS A 4 10.26 -3.65 -21.16
CA HIS A 4 10.58 -2.30 -20.69
C HIS A 4 9.43 -1.30 -20.82
N VAL A 5 9.48 -0.26 -20.01
CA VAL A 5 8.48 0.79 -20.03
C VAL A 5 9.12 2.13 -19.81
N ILE A 6 8.83 3.08 -20.70
CA ILE A 6 9.34 4.44 -20.57
C ILE A 6 8.09 5.31 -20.35
N ILE A 7 8.16 6.18 -19.36
CA ILE A 7 7.04 7.01 -19.06
C ILE A 7 7.38 8.50 -18.94
N GLN A 8 6.60 9.31 -19.64
CA GLN A 8 6.74 10.75 -19.57
C GLN A 8 5.60 11.10 -18.61
N ALA A 9 5.93 11.57 -17.42
CA ALA A 9 4.90 11.91 -16.44
C ALA A 9 5.00 13.37 -16.04
N GLU A 10 3.84 14.00 -15.89
CA GLU A 10 3.78 15.40 -15.49
C GLU A 10 2.52 15.65 -14.69
N PHE A 11 2.56 16.66 -13.83
CA PHE A 11 1.39 16.99 -13.04
C PHE A 11 1.38 18.45 -12.67
N TYR A 12 0.22 18.94 -12.27
CA TYR A 12 0.11 20.31 -11.81
C TYR A 12 -0.84 20.26 -10.62
N LEU A 13 -0.47 20.92 -9.54
CA LEU A 13 -1.27 20.90 -8.32
C LEU A 13 -1.73 22.28 -7.85
N ASN A 14 -3.02 22.40 -7.57
CA ASN A 14 -3.59 23.65 -7.06
C ASN A 14 -4.07 23.36 -5.65
N PRO A 15 -4.03 24.36 -4.76
CA PRO A 15 -3.58 25.74 -4.96
C PRO A 15 -2.07 25.97 -4.84
N ASP A 16 -1.31 24.92 -4.59
CA ASP A 16 0.14 25.02 -4.43
C ASP A 16 0.84 25.59 -5.65
N GLN A 17 0.27 25.37 -6.82
CA GLN A 17 0.85 25.83 -8.07
C GLN A 17 2.17 25.11 -8.29
N SER A 18 2.17 23.80 -7.98
CA SER A 18 3.36 22.97 -8.16
C SER A 18 3.17 22.14 -9.41
N GLY A 19 4.24 22.07 -10.20
CA GLY A 19 4.21 21.27 -11.42
C GLY A 19 5.44 20.40 -11.49
N GLU A 20 5.40 19.38 -12.33
CA GLU A 20 6.54 18.49 -12.47
C GLU A 20 6.51 17.84 -13.84
N PHE A 21 7.69 17.66 -14.41
CA PHE A 21 7.83 17.03 -15.71
C PHE A 21 9.03 16.10 -15.60
N MET A 22 8.82 14.80 -15.84
CA MET A 22 9.93 13.86 -15.75
C MET A 22 9.79 12.66 -16.65
N PHE A 23 10.89 11.97 -16.87
CA PHE A 23 10.88 10.75 -17.68
C PHE A 23 11.30 9.63 -16.76
N ASP A 24 10.65 8.49 -16.93
CA ASP A 24 10.87 7.34 -16.08
C ASP A 24 11.15 6.11 -16.94
N PHE A 25 12.14 5.32 -16.53
CA PHE A 25 12.49 4.09 -17.21
C PHE A 25 12.44 2.96 -16.18
N ASP A 26 11.53 2.00 -16.38
CA ASP A 26 11.36 0.87 -15.47
C ASP A 26 11.35 1.26 -13.98
N GLY A 27 10.69 2.37 -13.68
CA GLY A 27 10.59 2.81 -12.31
C GLY A 27 11.67 3.74 -11.82
N ASP A 28 12.71 3.94 -12.63
CA ASP A 28 13.78 4.87 -12.25
C ASP A 28 13.69 6.18 -13.06
N GLU A 29 14.00 7.31 -12.41
CA GLU A 29 13.95 8.61 -13.08
C GLU A 29 15.15 8.82 -14.03
N ILE A 30 14.87 9.16 -15.28
CA ILE A 30 15.94 9.43 -16.22
C ILE A 30 16.36 10.89 -16.00
N PHE A 31 15.37 11.78 -15.89
CA PHE A 31 15.64 13.20 -15.67
C PHE A 31 14.34 13.91 -15.38
N HIS A 32 14.44 15.14 -14.90
CA HIS A 32 13.25 15.97 -14.68
C HIS A 32 13.65 17.40 -15.05
N VAL A 33 12.67 18.27 -15.19
CA VAL A 33 12.95 19.64 -15.53
C VAL A 33 12.75 20.54 -14.34
N ASP A 34 13.83 21.21 -13.94
CA ASP A 34 13.80 22.13 -12.81
C ASP A 34 12.96 23.32 -13.27
N MET A 35 11.81 23.53 -12.64
CA MET A 35 10.91 24.60 -13.00
C MET A 35 11.46 26.00 -12.72
N ALA A 36 12.24 26.15 -11.64
CA ALA A 36 12.81 27.44 -11.30
C ALA A 36 13.94 27.86 -12.25
N LYS A 37 14.91 26.98 -12.45
CA LYS A 37 16.03 27.29 -13.33
C LYS A 37 15.71 26.94 -14.78
N LYS A 38 14.56 26.33 -15.00
CA LYS A 38 14.15 25.94 -16.36
C LYS A 38 15.25 25.14 -17.08
N GLU A 39 15.70 24.07 -16.42
CA GLU A 39 16.74 23.25 -17.00
C GLU A 39 16.51 21.76 -16.78
N THR A 40 17.15 20.96 -17.63
CA THR A 40 17.05 19.52 -17.57
C THR A 40 18.04 18.99 -16.53
N VAL A 41 17.52 18.29 -15.52
CA VAL A 41 18.36 17.71 -14.46
C VAL A 41 18.37 16.18 -14.59
N TRP A 42 19.51 15.61 -14.96
CA TRP A 42 19.62 14.16 -15.11
C TRP A 42 19.76 13.46 -13.76
N ARG A 43 19.12 12.32 -13.59
CA ARG A 43 19.19 11.60 -12.32
C ARG A 43 20.63 11.21 -12.03
N LEU A 44 21.34 10.75 -13.06
CA LEU A 44 22.75 10.39 -12.90
C LEU A 44 23.48 11.27 -13.91
N GLU A 45 24.50 11.96 -13.42
CA GLU A 45 25.32 12.88 -14.23
C GLU A 45 25.71 12.34 -15.61
N GLU A 46 26.15 11.10 -15.68
CA GLU A 46 26.57 10.55 -16.97
C GLU A 46 25.48 10.48 -18.02
N PHE A 47 24.22 10.48 -17.60
CA PHE A 47 23.12 10.42 -18.58
C PHE A 47 23.21 11.59 -19.55
N GLY A 48 23.57 12.75 -19.02
CA GLY A 48 23.66 13.96 -19.81
C GLY A 48 24.73 13.97 -20.88
N ARG A 49 25.69 13.06 -20.79
CA ARG A 49 26.74 13.01 -21.79
C ARG A 49 26.34 12.10 -22.95
N PHE A 50 25.21 11.41 -22.81
CA PHE A 50 24.74 10.52 -23.86
C PHE A 50 23.50 11.03 -24.57
N ALA A 51 22.76 11.92 -23.92
CA ALA A 51 21.54 12.43 -24.53
C ALA A 51 21.24 13.85 -24.10
N SER A 52 20.19 14.41 -24.67
CA SER A 52 19.78 15.76 -24.36
C SER A 52 18.26 15.92 -24.43
N PHE A 53 17.76 16.98 -23.82
CA PHE A 53 16.35 17.29 -23.84
C PHE A 53 16.17 18.79 -23.65
N GLU A 54 15.37 19.42 -24.50
CA GLU A 54 15.10 20.85 -24.42
C GLU A 54 14.06 21.12 -23.34
N ALA A 55 14.51 21.71 -22.25
CA ALA A 55 13.64 22.01 -21.12
C ALA A 55 12.41 22.83 -21.49
N GLN A 56 12.56 23.69 -22.49
CA GLN A 56 11.48 24.56 -22.95
C GLN A 56 10.18 23.81 -23.19
N GLY A 57 10.27 22.68 -23.88
CA GLY A 57 9.08 21.89 -24.18
C GLY A 57 8.29 21.50 -22.95
N ALA A 58 9.02 21.22 -21.88
CA ALA A 58 8.38 20.83 -20.61
C ALA A 58 7.59 22.00 -20.03
N LEU A 59 8.19 23.20 -20.07
CA LEU A 59 7.55 24.39 -19.55
C LEU A 59 6.24 24.65 -20.29
N ALA A 60 6.25 24.43 -21.59
CA ALA A 60 5.04 24.64 -22.40
C ALA A 60 3.97 23.61 -22.03
N ASN A 61 4.39 22.37 -21.75
CA ASN A 61 3.44 21.33 -21.38
C ASN A 61 2.78 21.66 -20.05
N ILE A 62 3.57 22.14 -19.10
CA ILE A 62 3.04 22.48 -17.79
C ILE A 62 1.98 23.57 -17.85
N ALA A 63 2.18 24.54 -18.75
CA ALA A 63 1.22 25.64 -18.90
C ALA A 63 -0.12 25.06 -19.30
N VAL A 64 -0.10 24.07 -20.19
CA VAL A 64 -1.32 23.42 -20.64
C VAL A 64 -1.93 22.59 -19.52
N ASP A 65 -1.09 21.86 -18.77
CA ASP A 65 -1.59 21.05 -17.66
C ASP A 65 -2.26 21.96 -16.64
N LYS A 66 -1.67 23.13 -16.42
CA LYS A 66 -2.26 24.07 -15.47
C LYS A 66 -3.65 24.47 -15.97
N ALA A 67 -3.75 24.76 -17.26
CA ALA A 67 -5.02 25.16 -17.85
C ALA A 67 -6.04 24.03 -17.83
N ASN A 68 -5.58 22.80 -18.04
CA ASN A 68 -6.50 21.67 -18.02
C ASN A 68 -6.99 21.37 -16.62
N LEU A 69 -6.12 21.59 -15.63
CA LEU A 69 -6.53 21.36 -14.25
C LEU A 69 -7.67 22.32 -13.90
N GLU A 70 -7.53 23.58 -14.32
CA GLU A 70 -8.55 24.61 -14.09
C GLU A 70 -9.88 24.12 -14.63
N ILE A 71 -9.89 23.76 -15.91
CA ILE A 71 -11.08 23.27 -16.59
C ILE A 71 -11.70 22.07 -15.86
N MET A 72 -10.87 21.07 -15.58
CA MET A 72 -11.34 19.84 -14.93
C MET A 72 -11.88 20.06 -13.52
N THR A 73 -11.28 20.99 -12.78
CA THR A 73 -11.70 21.28 -11.43
C THR A 73 -13.15 21.77 -11.46
N LYS A 74 -13.41 22.74 -12.31
CA LYS A 74 -14.74 23.31 -12.46
C LYS A 74 -15.72 22.25 -12.98
N ARG A 75 -15.24 21.46 -13.94
CA ARG A 75 -16.08 20.41 -14.53
C ARG A 75 -16.45 19.35 -13.51
N SER A 76 -15.53 19.06 -12.59
CA SER A 76 -15.78 18.06 -11.56
C SER A 76 -16.62 18.69 -10.49
N ASN A 77 -16.80 20.01 -10.60
CA ASN A 77 -17.57 20.77 -9.63
C ASN A 77 -16.76 20.91 -8.33
N TYR A 78 -15.49 21.23 -8.50
CA TYR A 78 -14.57 21.44 -7.38
C TYR A 78 -14.44 20.27 -6.40
N THR A 79 -14.47 19.06 -6.95
CA THR A 79 -14.30 17.85 -6.15
C THR A 79 -12.81 17.76 -5.79
N PRO A 80 -12.48 17.88 -4.51
CA PRO A 80 -11.09 17.81 -4.08
C PRO A 80 -10.54 16.39 -4.04
N ILE A 81 -9.21 16.27 -4.01
CA ILE A 81 -8.57 14.97 -3.99
C ILE A 81 -8.63 14.45 -2.56
N THR A 82 -8.69 13.12 -2.42
CA THR A 82 -8.72 12.48 -1.11
C THR A 82 -7.25 12.20 -0.74
N ASN A 83 -6.81 12.72 0.40
CA ASN A 83 -5.45 12.48 0.84
C ASN A 83 -5.23 10.99 1.12
N VAL A 84 -4.09 10.47 0.67
CA VAL A 84 -3.73 9.09 0.95
C VAL A 84 -2.36 9.20 1.61
N PRO A 85 -2.29 8.90 2.92
CA PRO A 85 -1.03 8.96 3.67
C PRO A 85 0.00 7.98 3.14
N PRO A 86 1.29 8.33 3.25
CA PRO A 86 2.38 7.47 2.78
C PRO A 86 2.82 6.37 3.72
N GLU A 87 3.46 5.36 3.14
CA GLU A 87 4.06 4.28 3.90
C GLU A 87 5.51 4.76 3.87
N VAL A 88 6.20 4.68 5.01
CA VAL A 88 7.58 5.15 5.09
C VAL A 88 8.46 4.02 5.61
N THR A 89 9.63 3.85 4.99
CA THR A 89 10.58 2.82 5.37
C THR A 89 11.99 3.38 5.31
N VAL A 90 12.82 3.04 6.29
CA VAL A 90 14.19 3.51 6.28
C VAL A 90 15.12 2.30 6.20
N LEU A 91 16.06 2.34 5.27
CA LEU A 91 17.02 1.26 5.10
C LEU A 91 18.36 1.87 4.74
N THR A 92 19.40 1.06 4.77
CA THR A 92 20.73 1.51 4.40
C THR A 92 20.88 0.97 2.99
N ASN A 93 21.77 1.53 2.19
CA ASN A 93 21.88 1.02 0.83
C ASN A 93 22.85 -0.16 0.72
N SER A 94 23.49 -0.49 1.84
CA SER A 94 24.40 -1.62 1.92
C SER A 94 24.55 -2.05 3.39
N PRO A 95 25.00 -3.29 3.62
CA PRO A 95 25.15 -3.76 5.01
C PRO A 95 26.06 -2.84 5.80
N VAL A 96 25.59 -2.44 6.97
CA VAL A 96 26.34 -1.51 7.81
C VAL A 96 27.51 -2.08 8.61
N GLU A 97 28.63 -1.38 8.53
CA GLU A 97 29.84 -1.73 9.24
C GLU A 97 30.27 -0.47 9.99
N LEU A 98 30.49 -0.60 11.30
CA LEU A 98 30.91 0.54 12.13
C LEU A 98 32.03 1.35 11.51
N ARG A 99 31.82 2.67 11.46
CA ARG A 99 32.79 3.61 10.92
C ARG A 99 33.08 3.49 9.42
N GLU A 100 32.14 2.91 8.68
CA GLU A 100 32.30 2.75 7.24
C GLU A 100 31.21 3.58 6.57
N PRO A 101 31.58 4.56 5.74
CA PRO A 101 30.55 5.37 5.09
C PRO A 101 29.38 4.53 4.55
N ASN A 102 28.17 5.02 4.73
CA ASN A 102 26.99 4.32 4.25
C ASN A 102 25.96 5.40 3.94
N VAL A 103 24.77 4.97 3.55
CA VAL A 103 23.70 5.90 3.22
C VAL A 103 22.35 5.41 3.75
N LEU A 104 21.62 6.31 4.39
CA LEU A 104 20.30 5.97 4.88
C LEU A 104 19.33 6.41 3.80
N ILE A 105 18.37 5.55 3.50
CA ILE A 105 17.39 5.84 2.49
C ILE A 105 16.01 5.90 3.10
N CYS A 106 15.33 7.02 2.91
CA CYS A 106 13.97 7.16 3.41
C CYS A 106 13.06 6.96 2.20
N PHE A 107 12.39 5.83 2.18
CA PHE A 107 11.48 5.49 1.09
C PHE A 107 10.06 5.88 1.47
N ILE A 108 9.52 6.86 0.75
CA ILE A 108 8.16 7.35 0.99
C ILE A 108 7.32 6.88 -0.19
N ASP A 109 6.30 6.07 0.11
CA ASP A 109 5.51 5.46 -0.95
C ASP A 109 3.99 5.49 -0.82
N LYS A 110 3.33 5.28 -1.95
CA LYS A 110 1.88 5.18 -2.04
C LYS A 110 1.07 6.34 -1.44
N PHE A 111 1.39 7.57 -1.82
CA PHE A 111 0.68 8.72 -1.27
C PHE A 111 0.24 9.72 -2.34
N THR A 112 -0.64 10.63 -1.94
CA THR A 112 -1.14 11.69 -2.81
C THR A 112 -1.98 12.64 -1.93
N PRO A 113 -1.98 13.94 -2.22
CA PRO A 113 -1.25 14.61 -3.31
C PRO A 113 0.25 14.61 -3.12
N PRO A 114 0.98 14.91 -4.19
CA PRO A 114 2.45 14.95 -4.16
C PRO A 114 3.01 16.17 -3.42
N VAL A 115 2.89 16.14 -2.10
CA VAL A 115 3.42 17.20 -1.25
C VAL A 115 3.81 16.57 0.08
N VAL A 116 5.08 16.69 0.45
CA VAL A 116 5.54 16.12 1.71
C VAL A 116 6.69 16.96 2.24
N ASN A 117 6.88 16.90 3.55
CA ASN A 117 7.97 17.59 4.19
C ASN A 117 8.73 16.50 4.91
N VAL A 118 9.99 16.38 4.54
CA VAL A 118 10.85 15.36 5.11
C VAL A 118 12.08 16.00 5.69
N THR A 119 12.45 15.56 6.88
CA THR A 119 13.65 16.08 7.52
C THR A 119 14.32 14.89 8.20
N TRP A 120 15.65 14.91 8.23
CA TRP A 120 16.40 13.86 8.87
C TRP A 120 16.75 14.34 10.26
N LEU A 121 16.78 13.43 11.22
CA LEU A 121 17.09 13.76 12.61
C LEU A 121 18.15 12.81 13.14
N ARG A 122 19.20 13.38 13.73
CA ARG A 122 20.26 12.59 14.33
C ARG A 122 20.16 12.90 15.80
N ASN A 123 19.89 11.88 16.60
CA ASN A 123 19.74 12.08 18.03
C ASN A 123 18.79 13.25 18.26
N GLY A 124 17.70 13.28 17.47
CA GLY A 124 16.69 14.32 17.60
C GLY A 124 16.95 15.68 16.97
N LYS A 125 18.13 15.89 16.40
CA LYS A 125 18.43 17.18 15.79
C LYS A 125 18.56 17.11 14.28
N PRO A 126 17.88 18.02 13.57
CA PRO A 126 17.90 18.06 12.11
C PRO A 126 19.30 18.04 11.50
N VAL A 127 19.45 17.27 10.43
CA VAL A 127 20.72 17.14 9.71
C VAL A 127 20.49 17.47 8.24
N THR A 128 21.42 18.20 7.64
CA THR A 128 21.29 18.61 6.24
C THR A 128 22.56 18.36 5.43
N THR A 129 23.66 18.10 6.11
CA THR A 129 24.91 17.87 5.43
C THR A 129 24.86 16.68 4.49
N GLY A 130 25.08 16.95 3.21
CA GLY A 130 25.09 15.90 2.21
C GLY A 130 23.75 15.27 1.82
N VAL A 131 22.65 15.65 2.45
CA VAL A 131 21.36 15.06 2.11
C VAL A 131 20.93 15.43 0.69
N SER A 132 20.16 14.55 0.07
CA SER A 132 19.66 14.76 -1.28
C SER A 132 18.31 14.06 -1.35
N GLU A 133 17.61 14.22 -2.48
CA GLU A 133 16.30 13.62 -2.63
C GLU A 133 15.89 13.57 -4.08
N THR A 134 14.87 12.77 -4.38
CA THR A 134 14.38 12.65 -5.75
C THR A 134 13.10 13.49 -5.84
N VAL A 135 12.57 13.61 -7.05
CA VAL A 135 11.33 14.33 -7.21
C VAL A 135 10.24 13.29 -6.99
N PHE A 136 8.99 13.66 -7.20
CA PHE A 136 7.91 12.70 -7.01
C PHE A 136 7.84 11.72 -8.18
N LEU A 137 8.03 10.43 -7.91
CA LEU A 137 7.96 9.42 -8.97
C LEU A 137 6.54 8.89 -9.11
N PRO A 138 6.11 8.61 -10.35
CA PRO A 138 4.76 8.10 -10.64
C PRO A 138 4.58 6.61 -10.33
N ARG A 139 3.33 6.22 -10.05
CA ARG A 139 2.99 4.83 -9.76
C ARG A 139 1.81 4.48 -10.67
N GLU A 140 1.62 3.19 -10.93
CA GLU A 140 0.55 2.74 -11.79
C GLU A 140 -0.82 3.06 -11.19
N ASP A 141 -0.93 3.05 -9.87
CA ASP A 141 -2.20 3.37 -9.20
C ASP A 141 -2.40 4.90 -9.15
N HIS A 142 -1.44 5.64 -9.71
CA HIS A 142 -1.50 7.10 -9.78
C HIS A 142 -1.19 7.85 -8.51
N LEU A 143 -0.58 7.14 -7.57
CA LEU A 143 -0.13 7.70 -6.30
C LEU A 143 1.33 8.03 -6.61
N PHE A 144 2.11 8.42 -5.60
CA PHE A 144 3.50 8.79 -5.84
C PHE A 144 4.53 8.11 -4.93
N ARG A 145 5.79 8.26 -5.29
CA ARG A 145 6.90 7.70 -4.52
C ARG A 145 7.95 8.79 -4.45
N LYS A 146 8.80 8.75 -3.43
CA LYS A 146 9.84 9.74 -3.29
C LYS A 146 10.93 9.17 -2.39
N PHE A 147 12.19 9.47 -2.70
CA PHE A 147 13.31 9.00 -1.90
C PHE A 147 14.12 10.14 -1.31
N HIS A 148 14.55 9.98 -0.07
CA HIS A 148 15.40 10.96 0.58
C HIS A 148 16.64 10.19 1.03
N TYR A 149 17.80 10.83 0.91
CA TYR A 149 19.05 10.18 1.25
C TYR A 149 19.86 10.92 2.30
N LEU A 150 20.58 10.18 3.11
CA LEU A 150 21.41 10.77 4.15
C LEU A 150 22.72 10.03 4.31
N PRO A 151 23.81 10.56 3.75
CA PRO A 151 25.10 9.88 3.89
C PRO A 151 25.43 9.95 5.38
N PHE A 152 26.03 8.90 5.95
CA PHE A 152 26.37 8.96 7.35
C PHE A 152 27.49 7.98 7.72
N LEU A 153 28.01 8.13 8.93
CA LEU A 153 29.06 7.25 9.40
C LEU A 153 28.47 6.42 10.53
N PRO A 154 28.22 5.13 10.28
CA PRO A 154 27.65 4.22 11.27
C PRO A 154 28.44 4.18 12.58
N SER A 155 27.72 4.17 13.69
CA SER A 155 28.33 4.09 15.01
C SER A 155 27.25 3.61 15.96
N THR A 156 27.65 3.23 17.16
CA THR A 156 26.72 2.75 18.18
C THR A 156 26.18 3.91 18.99
N GLU A 157 26.67 5.11 18.74
CA GLU A 157 26.26 6.29 19.48
C GLU A 157 25.08 7.08 18.93
N ASP A 158 24.86 7.04 17.63
CA ASP A 158 23.78 7.81 17.04
C ASP A 158 22.53 7.04 16.66
N VAL A 159 21.40 7.75 16.68
CA VAL A 159 20.12 7.18 16.28
C VAL A 159 19.55 8.15 15.26
N TYR A 160 18.85 7.64 14.27
CA TYR A 160 18.29 8.49 13.24
C TYR A 160 16.81 8.25 13.07
N ASP A 161 16.15 9.25 12.50
CA ASP A 161 14.74 9.17 12.20
C ASP A 161 14.48 9.94 10.95
N CYS A 162 13.52 9.47 10.18
CA CYS A 162 13.10 10.16 8.98
C CYS A 162 11.73 10.69 9.42
N ARG A 163 11.60 12.01 9.50
CA ARG A 163 10.35 12.65 9.91
C ARG A 163 9.58 13.07 8.66
N VAL A 164 8.40 12.51 8.47
CA VAL A 164 7.60 12.82 7.30
C VAL A 164 6.27 13.51 7.64
N GLU A 165 5.99 14.63 6.97
CA GLU A 165 4.72 15.35 7.18
C GLU A 165 3.88 15.30 5.90
N HIS A 166 2.64 14.88 6.03
CA HIS A 166 1.72 14.79 4.89
C HIS A 166 0.30 15.04 5.40
N TRP A 167 -0.52 15.67 4.57
CA TRP A 167 -1.89 15.97 4.98
C TRP A 167 -2.75 14.76 5.29
N GLY A 168 -2.36 13.60 4.78
CA GLY A 168 -3.13 12.39 5.06
C GLY A 168 -2.80 11.84 6.43
N LEU A 169 -1.73 12.37 7.05
CA LEU A 169 -1.31 11.94 8.38
C LEU A 169 -1.89 12.84 9.47
N ASP A 170 -2.36 12.23 10.56
CA ASP A 170 -2.89 13.01 11.67
C ASP A 170 -1.74 13.72 12.38
N GLU A 171 -0.58 13.05 12.43
CA GLU A 171 0.61 13.59 13.08
C GLU A 171 1.88 13.24 12.31
N PRO A 172 2.93 14.06 12.42
CA PRO A 172 4.17 13.77 11.71
C PRO A 172 4.60 12.35 12.05
N LEU A 173 5.07 11.64 11.04
CA LEU A 173 5.51 10.26 11.20
C LEU A 173 7.03 10.15 11.28
N LEU A 174 7.53 9.41 12.28
CA LEU A 174 8.96 9.21 12.44
C LEU A 174 9.31 7.76 12.24
N LYS A 175 10.26 7.49 11.34
CA LYS A 175 10.73 6.12 11.09
C LYS A 175 12.15 6.09 11.62
N HIS A 176 12.33 5.25 12.64
CA HIS A 176 13.58 5.10 13.36
C HIS A 176 14.58 4.11 12.78
N TRP A 177 15.86 4.40 13.02
CA TRP A 177 16.96 3.55 12.59
C TRP A 177 18.15 3.74 13.52
N GLU A 178 18.77 2.63 13.90
CA GLU A 178 19.95 2.65 14.74
C GLU A 178 20.69 1.34 14.59
N PHE A 179 21.99 1.37 14.83
CA PHE A 179 22.81 0.18 14.72
C PHE A 179 22.40 -0.87 15.73
N ASP A 180 22.33 -2.12 15.34
CA ASP A 180 21.97 -3.17 16.28
C ASP A 180 23.02 -4.28 16.34
N GLY B 1 -2.67 26.49 10.11
CA GLY B 1 -2.86 25.13 9.53
C GLY B 1 -3.41 25.17 8.12
N ASP B 2 -2.89 24.31 7.26
CA ASP B 2 -3.32 24.26 5.88
C ASP B 2 -4.36 23.15 5.67
N THR B 3 -5.58 23.55 5.34
CA THR B 3 -6.66 22.60 5.12
C THR B 3 -7.37 22.85 3.80
N ARG B 4 -6.89 23.83 3.04
CA ARG B 4 -7.49 24.15 1.74
C ARG B 4 -7.50 22.88 0.88
N PRO B 5 -8.62 22.63 0.18
CA PRO B 5 -8.73 21.44 -0.67
C PRO B 5 -7.74 21.49 -1.83
N ARG B 6 -7.31 20.32 -2.31
CA ARG B 6 -6.35 20.27 -3.42
C ARG B 6 -6.96 19.63 -4.66
N PHE B 7 -6.44 20.08 -5.80
CA PHE B 7 -6.89 19.59 -7.09
C PHE B 7 -5.62 19.23 -7.85
N LEU B 8 -5.53 17.98 -8.28
CA LEU B 8 -4.37 17.48 -9.00
C LEU B 8 -4.67 17.05 -10.44
N TRP B 9 -3.74 17.26 -11.35
CA TRP B 9 -3.92 16.84 -12.74
C TRP B 9 -2.64 16.19 -13.18
N GLN B 10 -2.76 15.01 -13.78
CA GLN B 10 -1.59 14.28 -14.25
C GLN B 10 -1.78 13.90 -15.69
N LEU B 11 -0.67 13.86 -16.40
CA LEU B 11 -0.66 13.45 -17.80
C LEU B 11 0.52 12.47 -17.88
N LYS B 12 0.27 11.31 -18.46
CA LYS B 12 1.30 10.29 -18.59
C LYS B 12 1.28 9.65 -19.96
N PHE B 13 2.46 9.54 -20.56
CA PHE B 13 2.62 8.89 -21.85
C PHE B 13 3.50 7.68 -21.51
N GLU B 14 2.94 6.48 -21.66
CA GLU B 14 3.67 5.25 -21.34
C GLU B 14 3.96 4.44 -22.58
N CYS B 15 5.25 4.20 -22.82
CA CYS B 15 5.66 3.40 -23.96
C CYS B 15 6.03 2.00 -23.44
N HIS B 16 5.29 1.00 -23.94
CA HIS B 16 5.50 -0.39 -23.55
C HIS B 16 6.23 -1.16 -24.65
N PHE B 17 7.40 -1.69 -24.33
CA PHE B 17 8.19 -2.42 -25.30
C PHE B 17 8.24 -3.93 -25.08
N PHE B 18 7.97 -4.69 -26.14
CA PHE B 18 8.02 -6.16 -26.10
C PHE B 18 9.00 -6.64 -27.16
N ASN B 19 9.80 -7.64 -26.80
CA ASN B 19 10.78 -8.21 -27.73
C ASN B 19 11.60 -7.08 -28.38
N GLY B 20 12.43 -6.42 -27.58
CA GLY B 20 13.21 -5.29 -28.11
C GLY B 20 12.19 -4.20 -28.44
N THR B 21 12.14 -3.78 -29.69
CA THR B 21 11.17 -2.77 -30.10
C THR B 21 10.31 -3.36 -31.23
N GLU B 22 10.25 -4.68 -31.27
CA GLU B 22 9.47 -5.40 -32.27
C GLU B 22 7.98 -5.10 -32.12
N ARG B 23 7.53 -5.02 -30.87
CA ARG B 23 6.15 -4.75 -30.53
C ARG B 23 6.14 -3.58 -29.54
N VAL B 24 5.40 -2.53 -29.87
CA VAL B 24 5.33 -1.34 -29.03
C VAL B 24 3.90 -0.86 -28.83
N ARG B 25 3.55 -0.55 -27.59
CA ARG B 25 2.22 -0.04 -27.32
C ARG B 25 2.34 1.29 -26.57
N LEU B 26 1.62 2.29 -27.05
CA LEU B 26 1.63 3.60 -26.43
C LEU B 26 0.33 3.81 -25.67
N LEU B 27 0.45 4.26 -24.43
CA LEU B 27 -0.73 4.52 -23.61
C LEU B 27 -0.62 5.94 -23.06
N GLU B 28 -1.52 6.81 -23.50
CA GLU B 28 -1.56 8.19 -23.05
C GLU B 28 -2.73 8.30 -22.07
N ARG B 29 -2.50 8.88 -20.90
CA ARG B 29 -3.59 9.00 -19.94
C ARG B 29 -3.61 10.27 -19.09
N CYS B 30 -4.82 10.73 -18.82
CA CYS B 30 -5.05 11.91 -18.00
C CYS B 30 -5.73 11.46 -16.72
N ILE B 31 -5.25 11.92 -15.58
CA ILE B 31 -5.85 11.55 -14.31
C ILE B 31 -6.23 12.83 -13.58
N TYR B 32 -7.50 12.98 -13.24
CA TYR B 32 -7.91 14.18 -12.53
C TYR B 32 -7.28 14.11 -11.15
N ASN B 33 -7.95 13.56 -10.14
CA ASN B 33 -7.28 13.49 -8.84
C ASN B 33 -6.59 12.15 -8.74
N GLN B 34 -7.36 11.09 -8.51
CA GLN B 34 -6.78 9.77 -8.49
C GLN B 34 -7.53 8.92 -9.51
N GLU B 35 -8.33 9.58 -10.33
CA GLU B 35 -9.17 8.94 -11.33
C GLU B 35 -8.76 9.20 -12.78
N GLU B 36 -8.50 8.14 -13.53
CA GLU B 36 -8.16 8.29 -14.93
C GLU B 36 -9.46 8.70 -15.60
N SER B 37 -9.42 9.74 -16.42
CA SER B 37 -10.64 10.21 -17.08
C SER B 37 -10.71 9.90 -18.56
N VAL B 38 -9.57 9.94 -19.24
CA VAL B 38 -9.53 9.69 -20.66
C VAL B 38 -8.17 9.14 -21.07
N ARG B 39 -8.14 8.37 -22.14
CA ARG B 39 -6.87 7.79 -22.58
C ARG B 39 -6.82 7.53 -24.08
N PHE B 40 -5.60 7.40 -24.58
CA PHE B 40 -5.38 7.05 -25.98
C PHE B 40 -4.55 5.77 -25.90
N ASP B 41 -5.06 4.70 -26.49
CA ASP B 41 -4.38 3.42 -26.52
C ASP B 41 -4.00 3.18 -27.98
N SER B 42 -2.72 3.05 -28.28
CA SER B 42 -2.31 2.84 -29.68
C SER B 42 -2.94 1.59 -30.28
N ASP B 43 -3.35 0.64 -29.44
CA ASP B 43 -3.96 -0.56 -29.96
C ASP B 43 -5.41 -0.29 -30.35
N VAL B 44 -5.99 0.78 -29.81
CA VAL B 44 -7.36 1.14 -30.12
C VAL B 44 -7.39 2.13 -31.29
N GLY B 45 -6.40 3.02 -31.34
CA GLY B 45 -6.32 3.98 -32.43
C GLY B 45 -6.97 5.33 -32.22
N GLU B 46 -7.71 5.50 -31.13
CA GLU B 46 -8.37 6.76 -30.82
C GLU B 46 -8.60 6.91 -29.33
N TYR B 47 -8.95 8.11 -28.90
CA TYR B 47 -9.20 8.39 -27.49
C TYR B 47 -10.50 7.72 -27.03
N ARG B 48 -10.53 7.35 -25.75
CA ARG B 48 -11.68 6.72 -25.15
C ARG B 48 -11.82 7.29 -23.75
N ALA B 49 -13.03 7.66 -23.38
CA ALA B 49 -13.25 8.19 -22.04
C ALA B 49 -13.24 7.00 -21.08
N VAL B 50 -12.65 7.18 -19.92
CA VAL B 50 -12.64 6.13 -18.94
C VAL B 50 -13.77 6.43 -17.97
N THR B 51 -13.87 7.68 -17.55
CA THR B 51 -14.94 8.11 -16.65
C THR B 51 -15.78 9.15 -17.37
N GLU B 52 -16.93 9.47 -16.79
CA GLU B 52 -17.83 10.44 -17.38
C GLU B 52 -17.17 11.81 -17.58
N LEU B 53 -16.24 12.15 -16.71
CA LEU B 53 -15.55 13.43 -16.81
C LEU B 53 -14.72 13.59 -18.10
N GLY B 54 -14.28 12.47 -18.67
CA GLY B 54 -13.48 12.52 -19.87
C GLY B 54 -14.26 12.45 -21.17
N ARG B 55 -15.57 12.30 -21.09
CA ARG B 55 -16.42 12.22 -22.27
C ARG B 55 -16.18 13.36 -23.26
N PRO B 56 -16.34 14.62 -22.80
CA PRO B 56 -16.14 15.80 -23.66
C PRO B 56 -14.82 15.80 -24.42
N ASP B 57 -13.74 15.49 -23.72
CA ASP B 57 -12.41 15.47 -24.32
C ASP B 57 -12.20 14.41 -25.39
N ALA B 58 -12.61 13.17 -25.12
CA ALA B 58 -12.43 12.11 -26.11
C ALA B 58 -13.17 12.49 -27.40
N GLU B 59 -14.42 12.95 -27.25
CA GLU B 59 -15.22 13.36 -28.40
C GLU B 59 -14.53 14.49 -29.16
N TYR B 60 -14.01 15.43 -28.40
CA TYR B 60 -13.32 16.57 -28.96
C TYR B 60 -12.03 16.20 -29.69
N TRP B 61 -11.09 15.59 -28.96
CA TRP B 61 -9.82 15.19 -29.55
C TRP B 61 -9.99 14.23 -30.71
N ASN B 62 -11.02 13.38 -30.67
CA ASN B 62 -11.21 12.44 -31.77
C ASN B 62 -11.73 13.14 -33.02
N SER B 63 -12.18 14.38 -32.87
CA SER B 63 -12.70 15.15 -33.99
C SER B 63 -11.58 15.88 -34.76
N GLN B 64 -10.34 15.75 -34.28
CA GLN B 64 -9.20 16.39 -34.93
C GLN B 64 -8.31 15.31 -35.56
N LYS B 65 -8.50 15.04 -36.84
CA LYS B 65 -7.72 14.01 -37.53
C LYS B 65 -6.21 14.22 -37.38
N ASP B 66 -5.78 15.46 -37.33
CA ASP B 66 -4.36 15.80 -37.20
C ASP B 66 -3.79 15.19 -35.92
N LEU B 67 -4.49 15.41 -34.81
CA LEU B 67 -4.05 14.88 -33.53
C LEU B 67 -4.02 13.35 -33.57
N LEU B 68 -5.10 12.75 -34.07
CA LEU B 68 -5.19 11.29 -34.15
C LEU B 68 -4.05 10.70 -34.97
N GLU B 69 -3.76 11.31 -36.11
CA GLU B 69 -2.69 10.84 -36.97
C GLU B 69 -1.34 10.91 -36.27
N GLN B 70 -1.05 12.05 -35.65
CA GLN B 70 0.22 12.25 -34.95
C GLN B 70 0.34 11.24 -33.82
N ARG B 71 -0.74 11.05 -33.08
CA ARG B 71 -0.75 10.10 -31.97
C ARG B 71 -0.54 8.67 -32.46
N ARG B 72 -1.15 8.31 -33.58
CA ARG B 72 -1.03 6.98 -34.12
C ARG B 72 0.37 6.68 -34.64
N ALA B 73 1.17 7.72 -34.87
CA ALA B 73 2.53 7.51 -35.37
C ALA B 73 3.56 7.70 -34.25
N ALA B 74 3.09 8.09 -33.08
CA ALA B 74 3.97 8.32 -31.94
C ALA B 74 4.69 7.03 -31.54
N VAL B 75 4.05 5.90 -31.80
CA VAL B 75 4.66 4.62 -31.47
C VAL B 75 6.03 4.54 -32.16
N ASP B 76 6.16 5.22 -33.29
CA ASP B 76 7.43 5.23 -34.01
C ASP B 76 8.26 6.49 -33.73
N THR B 77 7.65 7.65 -33.93
CA THR B 77 8.33 8.93 -33.75
C THR B 77 8.65 9.32 -32.32
N TYR B 78 7.96 8.68 -31.38
CA TYR B 78 8.16 8.99 -29.96
C TYR B 78 8.71 7.80 -29.19
N CYS B 79 7.92 6.74 -29.07
CA CYS B 79 8.35 5.55 -28.33
C CYS B 79 9.65 4.92 -28.86
N ARG B 80 9.64 4.46 -30.11
CA ARG B 80 10.84 3.85 -30.67
C ARG B 80 12.02 4.80 -30.68
N HIS B 81 11.75 6.08 -30.93
CA HIS B 81 12.83 7.05 -30.95
C HIS B 81 13.51 7.19 -29.59
N ASN B 82 12.72 7.34 -28.53
CA ASN B 82 13.30 7.50 -27.20
C ASN B 82 14.00 6.23 -26.71
N TYR B 83 13.47 5.07 -27.09
CA TYR B 83 14.09 3.81 -26.72
C TYR B 83 15.51 3.81 -27.29
N GLY B 84 15.65 4.18 -28.56
CA GLY B 84 16.95 4.22 -29.20
C GLY B 84 17.87 5.25 -28.57
N VAL B 85 17.33 6.43 -28.28
CA VAL B 85 18.14 7.48 -27.67
C VAL B 85 18.76 7.05 -26.34
N GLY B 86 17.97 6.40 -25.48
CA GLY B 86 18.50 6.01 -24.18
C GLY B 86 18.97 4.58 -24.03
N GLU B 87 18.85 3.78 -25.07
CA GLU B 87 19.25 2.38 -25.01
C GLU B 87 20.61 2.07 -24.36
N SER B 88 21.65 2.79 -24.76
CA SER B 88 22.99 2.55 -24.22
C SER B 88 23.13 2.67 -22.70
N PHE B 89 22.45 3.62 -22.07
CA PHE B 89 22.60 3.76 -20.62
C PHE B 89 21.41 3.28 -19.77
N THR B 90 20.37 2.76 -20.41
CA THR B 90 19.22 2.28 -19.66
C THR B 90 19.03 0.80 -19.92
N VAL B 91 18.58 0.53 -21.12
CA VAL B 91 18.32 -0.82 -21.54
C VAL B 91 19.60 -1.64 -21.36
N GLN B 92 20.74 -1.04 -21.66
CA GLN B 92 22.01 -1.74 -21.60
C GLN B 92 22.81 -1.49 -20.32
N ARG B 93 22.25 -0.76 -19.36
CA ARG B 93 22.96 -0.48 -18.12
C ARG B 93 23.16 -1.77 -17.32
N ARG B 94 24.40 -2.00 -16.88
CA ARG B 94 24.71 -3.19 -16.09
C ARG B 94 25.68 -2.88 -14.97
N VAL B 95 25.24 -3.16 -13.74
CA VAL B 95 26.06 -2.93 -12.57
C VAL B 95 26.05 -4.22 -11.76
N GLU B 96 27.23 -4.74 -11.50
CA GLU B 96 27.37 -5.99 -10.76
C GLU B 96 27.01 -5.88 -9.28
N PRO B 97 26.29 -6.89 -8.75
CA PRO B 97 25.92 -6.85 -7.34
C PRO B 97 27.08 -7.17 -6.41
N LYS B 98 27.04 -6.60 -5.22
CA LYS B 98 28.06 -6.86 -4.22
C LYS B 98 27.36 -7.87 -3.28
N VAL B 99 27.93 -9.06 -3.15
CA VAL B 99 27.33 -10.10 -2.33
C VAL B 99 28.06 -10.35 -1.02
N THR B 100 27.31 -10.32 0.07
CA THR B 100 27.89 -10.55 1.38
C THR B 100 26.99 -11.52 2.16
N VAL B 101 27.62 -12.40 2.93
CA VAL B 101 26.89 -13.37 3.73
C VAL B 101 27.28 -13.23 5.19
N TYR B 102 26.27 -13.18 6.06
CA TYR B 102 26.52 -13.04 7.47
C TYR B 102 25.34 -13.56 8.26
N PRO B 103 25.60 -14.12 9.44
CA PRO B 103 24.52 -14.64 10.27
C PRO B 103 23.81 -13.50 10.97
N SER B 104 22.50 -13.62 11.07
CA SER B 104 21.71 -12.63 11.76
C SER B 104 21.88 -12.99 13.25
N LYS B 105 22.42 -12.07 14.04
CA LYS B 105 22.65 -12.36 15.46
C LYS B 105 23.72 -13.44 15.62
N THR B 106 24.68 -13.20 16.49
CA THR B 106 25.74 -14.16 16.74
C THR B 106 25.33 -15.16 17.81
N GLN B 107 24.87 -16.34 17.37
CA GLN B 107 24.45 -17.39 18.28
C GLN B 107 25.33 -18.63 18.15
N PRO B 108 25.45 -19.42 19.23
CA PRO B 108 26.27 -20.65 19.21
C PRO B 108 25.66 -21.71 18.28
N LEU B 109 26.49 -22.65 17.84
CA LEU B 109 26.03 -23.73 16.95
C LEU B 109 24.87 -24.54 17.52
N GLN B 110 24.20 -25.27 16.64
CA GLN B 110 23.06 -26.12 17.01
C GLN B 110 21.83 -25.34 17.48
N HIS B 111 21.86 -24.02 17.31
CA HIS B 111 20.74 -23.17 17.70
C HIS B 111 20.19 -22.49 16.45
N HIS B 112 18.87 -22.35 16.35
CA HIS B 112 18.28 -21.73 15.17
C HIS B 112 18.91 -20.37 14.88
N ASN B 113 19.17 -20.13 13.60
CA ASN B 113 19.79 -18.87 13.20
C ASN B 113 19.28 -18.49 11.81
N LEU B 114 19.37 -17.21 11.51
CA LEU B 114 18.92 -16.71 10.22
C LEU B 114 20.16 -16.28 9.43
N LEU B 115 20.50 -17.01 8.38
CA LEU B 115 21.65 -16.64 7.55
C LEU B 115 21.21 -15.60 6.53
N VAL B 116 21.89 -14.46 6.51
CA VAL B 116 21.54 -13.40 5.56
C VAL B 116 22.45 -13.29 4.35
N CYS B 117 21.86 -13.34 3.17
CA CYS B 117 22.61 -13.16 1.93
C CYS B 117 22.20 -11.78 1.42
N SER B 118 23.12 -10.83 1.54
CA SER B 118 22.89 -9.46 1.12
C SER B 118 23.44 -9.23 -0.27
N VAL B 119 22.57 -8.78 -1.17
CA VAL B 119 22.93 -8.52 -2.55
C VAL B 119 22.56 -7.06 -2.81
N SER B 120 23.56 -6.22 -3.06
CA SER B 120 23.24 -4.82 -3.25
C SER B 120 23.98 -4.12 -4.38
N GLY B 121 23.49 -2.91 -4.70
CA GLY B 121 24.07 -2.08 -5.73
C GLY B 121 24.00 -2.61 -7.15
N PHE B 122 23.09 -3.54 -7.44
CA PHE B 122 23.01 -4.09 -8.79
C PHE B 122 21.97 -3.47 -9.68
N TYR B 123 22.12 -3.70 -10.97
CA TYR B 123 21.19 -3.22 -11.98
C TYR B 123 21.43 -4.01 -13.27
N PRO B 124 20.36 -4.45 -13.96
CA PRO B 124 18.92 -4.26 -13.67
C PRO B 124 18.37 -5.10 -12.52
N GLY B 125 17.08 -4.99 -12.27
CA GLY B 125 16.44 -5.70 -11.17
C GLY B 125 16.33 -7.21 -11.32
N SER B 126 16.32 -7.69 -12.56
CA SER B 126 16.24 -9.13 -12.81
C SER B 126 17.40 -9.84 -12.12
N ILE B 127 17.10 -10.69 -11.14
CA ILE B 127 18.15 -11.39 -10.41
C ILE B 127 17.64 -12.70 -9.82
N GLU B 128 18.55 -13.63 -9.58
CA GLU B 128 18.19 -14.91 -8.99
C GLU B 128 19.14 -15.23 -7.84
N VAL B 129 18.57 -15.54 -6.68
CA VAL B 129 19.36 -15.85 -5.49
C VAL B 129 18.93 -17.19 -4.92
N ARG B 130 19.89 -18.09 -4.76
CA ARG B 130 19.59 -19.40 -4.23
C ARG B 130 20.55 -19.79 -3.11
N TRP B 131 20.02 -20.52 -2.13
CA TRP B 131 20.79 -21.00 -0.99
C TRP B 131 21.15 -22.47 -1.12
N PHE B 132 22.39 -22.79 -0.79
CA PHE B 132 22.86 -24.17 -0.84
C PHE B 132 23.47 -24.59 0.49
N ARG B 133 23.18 -25.83 0.88
CA ARG B 133 23.70 -26.39 2.12
C ARG B 133 24.51 -27.64 1.76
N ASN B 134 25.82 -27.56 1.97
CA ASN B 134 26.70 -28.69 1.64
C ASN B 134 26.45 -29.12 0.20
N GLY B 135 26.45 -28.14 -0.71
CA GLY B 135 26.26 -28.41 -2.13
C GLY B 135 24.85 -28.64 -2.62
N GLN B 136 23.88 -28.74 -1.72
CA GLN B 136 22.51 -28.98 -2.13
C GLN B 136 21.61 -27.76 -1.88
N GLU B 137 20.74 -27.48 -2.84
CA GLU B 137 19.85 -26.33 -2.74
C GLU B 137 18.77 -26.47 -1.66
N GLU B 138 18.63 -25.42 -0.87
CA GLU B 138 17.63 -25.36 0.19
C GLU B 138 16.46 -24.54 -0.36
N LYS B 139 15.35 -25.19 -0.64
CA LYS B 139 14.19 -24.49 -1.19
C LYS B 139 13.24 -24.02 -0.10
N ALA B 140 13.35 -24.60 1.09
CA ALA B 140 12.48 -24.23 2.20
C ALA B 140 13.15 -23.31 3.21
N GLY B 141 12.34 -22.60 3.99
CA GLY B 141 12.88 -21.71 5.00
C GLY B 141 13.63 -20.51 4.45
N VAL B 142 13.27 -20.08 3.25
CA VAL B 142 13.91 -18.92 2.64
C VAL B 142 13.00 -17.71 2.83
N VAL B 143 13.49 -16.70 3.55
CA VAL B 143 12.73 -15.48 3.82
C VAL B 143 13.30 -14.34 2.99
N SER B 144 12.58 -13.96 1.95
CA SER B 144 13.06 -12.90 1.07
C SER B 144 12.38 -11.56 1.26
N THR B 145 13.16 -10.51 1.07
CA THR B 145 12.71 -9.15 1.20
C THR B 145 12.08 -8.73 -0.14
N GLY B 146 12.43 -9.47 -1.19
CA GLY B 146 11.93 -9.14 -2.50
C GLY B 146 12.87 -8.12 -3.11
N LEU B 147 12.52 -7.60 -4.27
CA LEU B 147 13.35 -6.62 -4.95
C LEU B 147 13.12 -5.22 -4.36
N ILE B 148 14.21 -4.56 -3.96
CA ILE B 148 14.13 -3.23 -3.39
C ILE B 148 14.84 -2.23 -4.30
N GLN B 149 14.05 -1.30 -4.85
CA GLN B 149 14.57 -0.27 -5.76
C GLN B 149 15.04 0.90 -4.89
N ASN B 150 16.33 1.23 -4.96
CA ASN B 150 16.89 2.33 -4.15
C ASN B 150 16.66 3.76 -4.66
N GLY B 151 16.13 3.89 -5.87
CA GLY B 151 15.86 5.21 -6.43
C GLY B 151 17.00 5.90 -7.15
N ASP B 152 18.18 5.29 -7.12
CA ASP B 152 19.38 5.84 -7.75
C ASP B 152 19.90 4.88 -8.84
N TRP B 153 18.99 4.19 -9.52
CA TRP B 153 19.35 3.24 -10.57
C TRP B 153 20.16 2.07 -10.00
N THR B 154 19.77 1.63 -8.81
CA THR B 154 20.45 0.55 -8.13
C THR B 154 19.39 -0.24 -7.35
N PHE B 155 19.57 -1.55 -7.24
CA PHE B 155 18.66 -2.38 -6.48
C PHE B 155 19.41 -3.11 -5.36
N GLN B 156 18.64 -3.68 -4.44
CA GLN B 156 19.20 -4.47 -3.38
C GLN B 156 18.12 -5.47 -2.96
N THR B 157 18.55 -6.53 -2.28
CA THR B 157 17.63 -7.55 -1.82
C THR B 157 18.36 -8.37 -0.73
N LEU B 158 17.61 -8.78 0.27
CA LEU B 158 18.16 -9.61 1.34
C LEU B 158 17.40 -10.93 1.35
N VAL B 159 18.11 -12.02 1.10
CA VAL B 159 17.49 -13.34 1.10
C VAL B 159 18.08 -14.12 2.28
N MET B 160 17.22 -14.43 3.23
CA MET B 160 17.63 -15.12 4.45
C MET B 160 17.19 -16.58 4.48
N LEU B 161 18.05 -17.41 5.06
CA LEU B 161 17.77 -18.83 5.19
C LEU B 161 17.63 -19.22 6.66
N GLU B 162 16.57 -19.93 6.99
CA GLU B 162 16.34 -20.38 8.35
C GLU B 162 17.19 -21.63 8.54
N THR B 163 18.09 -21.61 9.52
CA THR B 163 18.93 -22.78 9.73
C THR B 163 19.25 -23.09 11.17
N VAL B 164 19.87 -24.25 11.34
CA VAL B 164 20.33 -24.74 12.62
C VAL B 164 21.73 -25.20 12.26
N PRO B 165 22.68 -24.27 12.28
CA PRO B 165 24.08 -24.56 11.94
C PRO B 165 24.73 -25.61 12.83
N ARG B 166 25.55 -26.46 12.20
CA ARG B 166 26.28 -27.49 12.91
C ARG B 166 27.67 -27.50 12.32
N SER B 167 28.67 -27.51 13.21
CA SER B 167 30.08 -27.49 12.80
C SER B 167 30.35 -28.41 11.61
N GLY B 168 31.06 -27.89 10.62
CA GLY B 168 31.38 -28.67 9.44
C GLY B 168 30.52 -28.31 8.25
N GLU B 169 29.39 -27.67 8.50
CA GLU B 169 28.49 -27.28 7.42
C GLU B 169 28.99 -26.04 6.65
N VAL B 170 28.81 -26.07 5.34
CA VAL B 170 29.20 -24.97 4.50
C VAL B 170 27.94 -24.52 3.78
N TYR B 171 27.56 -23.26 3.98
CA TYR B 171 26.36 -22.69 3.36
C TYR B 171 26.79 -21.75 2.26
N THR B 172 26.18 -21.88 1.08
CA THR B 172 26.53 -21.04 -0.04
C THR B 172 25.37 -20.25 -0.66
N CYS B 173 25.60 -18.96 -0.89
CA CYS B 173 24.60 -18.11 -1.52
C CYS B 173 25.03 -18.01 -2.98
N GLN B 174 24.13 -18.37 -3.90
CA GLN B 174 24.46 -18.31 -5.32
C GLN B 174 23.63 -17.23 -5.99
N VAL B 175 24.29 -16.34 -6.71
CA VAL B 175 23.60 -15.24 -7.36
C VAL B 175 23.81 -15.15 -8.88
N GLU B 176 22.71 -15.12 -9.61
CA GLU B 176 22.75 -15.01 -11.07
C GLU B 176 22.18 -13.64 -11.44
N HIS B 177 22.89 -12.92 -12.31
CA HIS B 177 22.49 -11.59 -12.75
C HIS B 177 23.09 -11.34 -14.12
N PRO B 178 22.42 -10.53 -14.96
CA PRO B 178 22.92 -10.24 -16.32
C PRO B 178 24.30 -9.62 -16.43
N SER B 179 24.84 -9.14 -15.31
CA SER B 179 26.16 -8.51 -15.30
C SER B 179 27.32 -9.49 -15.18
N VAL B 180 27.03 -10.76 -14.95
CA VAL B 180 28.08 -11.78 -14.82
C VAL B 180 27.71 -13.03 -15.61
N THR B 181 28.69 -13.62 -16.27
CA THR B 181 28.47 -14.83 -17.05
C THR B 181 28.23 -16.03 -16.15
N SER B 182 29.11 -16.24 -15.19
CA SER B 182 28.96 -17.34 -14.25
C SER B 182 28.40 -16.76 -12.95
N PRO B 183 27.58 -17.53 -12.22
CA PRO B 183 27.01 -17.05 -10.97
C PRO B 183 28.02 -16.73 -9.89
N LEU B 184 27.71 -15.73 -9.07
CA LEU B 184 28.58 -15.35 -7.96
C LEU B 184 28.20 -16.24 -6.77
N THR B 185 29.18 -16.56 -5.93
CA THR B 185 28.92 -17.39 -4.77
C THR B 185 29.74 -16.95 -3.58
N VAL B 186 29.12 -16.95 -2.41
CA VAL B 186 29.80 -16.58 -1.19
C VAL B 186 29.47 -17.69 -0.19
N GLU B 187 30.50 -18.21 0.45
CA GLU B 187 30.31 -19.28 1.42
C GLU B 187 30.43 -18.81 2.84
N TRP B 188 29.70 -19.49 3.71
CA TRP B 188 29.74 -19.22 5.14
C TRP B 188 29.88 -20.59 5.77
N ARG B 189 30.96 -20.79 6.52
CA ARG B 189 31.19 -22.06 7.18
C ARG B 189 30.86 -21.89 8.65
N ALA B 190 30.03 -22.80 9.16
CA ALA B 190 29.61 -22.76 10.56
C ALA B 190 30.82 -22.87 11.49
N ALA C 1 22.07 12.08 -29.08
CA ALA C 1 20.63 11.96 -29.47
C ALA C 1 19.74 12.74 -28.51
N ALA C 2 18.59 13.19 -29.00
CA ALA C 2 17.69 13.96 -28.17
C ALA C 2 16.37 13.27 -27.88
N TYR C 3 15.85 13.48 -26.68
CA TYR C 3 14.57 12.92 -26.29
C TYR C 3 13.43 13.75 -26.83
N SER C 4 12.41 13.08 -27.36
CA SER C 4 11.24 13.78 -27.88
C SER C 4 10.19 13.69 -26.80
N ASP C 5 9.38 14.73 -26.66
CA ASP C 5 8.33 14.69 -25.67
C ASP C 5 7.01 14.81 -26.41
N GLN C 6 5.97 14.20 -25.87
CA GLN C 6 4.65 14.30 -26.46
C GLN C 6 4.05 15.56 -25.88
N ALA C 7 3.38 16.34 -26.72
CA ALA C 7 2.77 17.59 -26.26
C ALA C 7 1.36 17.30 -25.76
N THR C 8 0.96 18.03 -24.74
CA THR C 8 -0.36 17.86 -24.16
C THR C 8 -1.39 18.66 -24.99
N PRO C 9 -2.59 18.10 -25.17
CA PRO C 9 -3.60 18.83 -25.92
C PRO C 9 -4.58 19.45 -24.93
N LEU C 10 -5.05 20.65 -25.22
CA LEU C 10 -5.99 21.31 -24.33
C LEU C 10 -7.34 20.59 -24.28
N LEU C 11 -7.89 20.48 -23.07
CA LEU C 11 -9.16 19.83 -22.82
C LEU C 11 -10.34 20.57 -23.43
N LEU C 12 -11.50 19.93 -23.36
CA LEU C 12 -12.73 20.52 -23.88
C LEU C 12 -13.15 21.73 -23.04
N SER C 13 -13.81 22.68 -23.68
CA SER C 13 -14.27 23.88 -23.01
C SER C 13 -15.40 23.57 -22.03
N GLU D 2 -17.52 12.83 10.61
CA GLU D 2 -18.03 11.42 10.50
C GLU D 2 -17.49 10.58 11.63
N GLU D 3 -18.36 9.82 12.27
CA GLU D 3 -17.94 8.98 13.38
C GLU D 3 -18.07 7.47 13.15
N HIS D 4 -19.15 7.03 12.52
CA HIS D 4 -19.33 5.60 12.27
C HIS D 4 -19.72 5.25 10.84
N VAL D 5 -19.34 4.05 10.42
CA VAL D 5 -19.64 3.57 9.09
C VAL D 5 -19.98 2.09 9.15
N ILE D 6 -21.11 1.73 8.57
CA ILE D 6 -21.53 0.34 8.50
C ILE D 6 -21.53 -0.02 7.02
N ILE D 7 -20.92 -1.14 6.69
CA ILE D 7 -20.83 -1.55 5.30
C ILE D 7 -21.29 -2.97 5.02
N GLN D 8 -22.14 -3.09 4.02
CA GLN D 8 -22.62 -4.41 3.58
C GLN D 8 -21.77 -4.62 2.35
N ALA D 9 -20.86 -5.58 2.40
CA ALA D 9 -19.99 -5.83 1.27
C ALA D 9 -20.13 -7.25 0.78
N GLU D 10 -20.14 -7.39 -0.55
CA GLU D 10 -20.26 -8.70 -1.17
C GLU D 10 -19.50 -8.73 -2.49
N PHE D 11 -19.07 -9.92 -2.91
CA PHE D 11 -18.36 -10.05 -4.15
C PHE D 11 -18.52 -11.43 -4.74
N TYR D 12 -18.28 -11.54 -6.04
CA TYR D 12 -18.33 -12.82 -6.70
C TYR D 12 -17.10 -12.86 -7.61
N LEU D 13 -16.37 -13.96 -7.57
CA LEU D 13 -15.16 -14.10 -8.36
C LEU D 13 -15.18 -15.27 -9.35
N ASN D 14 -14.90 -14.97 -10.61
CA ASN D 14 -14.82 -15.99 -11.66
C ASN D 14 -13.36 -16.07 -12.08
N PRO D 15 -12.88 -17.26 -12.50
CA PRO D 15 -13.62 -18.53 -12.61
C PRO D 15 -13.74 -19.35 -11.32
N ASP D 16 -13.18 -18.84 -10.22
CA ASP D 16 -13.20 -19.56 -8.95
C ASP D 16 -14.61 -19.85 -8.44
N GLN D 17 -15.56 -19.00 -8.81
CA GLN D 17 -16.94 -19.15 -8.37
C GLN D 17 -17.02 -18.97 -6.86
N SER D 18 -16.25 -18.01 -6.36
CA SER D 18 -16.21 -17.69 -4.94
C SER D 18 -17.04 -16.44 -4.70
N GLY D 19 -17.86 -16.49 -3.64
CA GLY D 19 -18.68 -15.35 -3.31
C GLY D 19 -18.54 -15.06 -1.85
N GLU D 20 -18.95 -13.87 -1.42
CA GLU D 20 -18.87 -13.50 -0.02
C GLU D 20 -19.89 -12.44 0.28
N PHE D 21 -20.45 -12.50 1.49
CA PHE D 21 -21.44 -11.53 1.94
C PHE D 21 -21.17 -11.24 3.40
N MET D 22 -20.85 -9.99 3.72
CA MET D 22 -20.56 -9.66 5.10
C MET D 22 -20.95 -8.25 5.50
N PHE D 23 -21.00 -8.01 6.81
CA PHE D 23 -21.31 -6.68 7.32
C PHE D 23 -20.09 -6.23 8.08
N ASP D 24 -19.77 -4.95 7.92
CA ASP D 24 -18.59 -4.34 8.51
C ASP D 24 -18.94 -3.11 9.34
N PHE D 25 -18.33 -2.98 10.53
CA PHE D 25 -18.56 -1.83 11.39
C PHE D 25 -17.20 -1.20 11.70
N ASP D 26 -16.99 0.04 11.26
CA ASP D 26 -15.71 0.73 11.45
C ASP D 26 -14.48 -0.17 11.19
N GLY D 27 -14.53 -0.97 10.13
CA GLY D 27 -13.39 -1.82 9.81
C GLY D 27 -13.40 -3.24 10.37
N ASP D 28 -14.29 -3.51 11.33
CA ASP D 28 -14.38 -4.85 11.90
C ASP D 28 -15.61 -5.61 11.38
N GLU D 29 -15.45 -6.92 11.19
CA GLU D 29 -16.53 -7.76 10.71
C GLU D 29 -17.60 -8.04 11.76
N ILE D 30 -18.86 -7.76 11.44
CA ILE D 30 -19.95 -8.04 12.37
C ILE D 30 -20.32 -9.51 12.18
N PHE D 31 -20.48 -9.91 10.91
CA PHE D 31 -20.80 -11.30 10.59
C PHE D 31 -20.67 -11.53 9.09
N HIS D 32 -20.65 -12.78 8.67
CA HIS D 32 -20.63 -13.09 7.26
C HIS D 32 -21.49 -14.33 7.08
N VAL D 33 -21.88 -14.63 5.85
CA VAL D 33 -22.70 -15.78 5.60
C VAL D 33 -21.90 -16.93 5.01
N ASP D 34 -21.88 -18.06 5.72
CA ASP D 34 -21.17 -19.23 5.26
C ASP D 34 -21.95 -19.75 4.05
N MET D 35 -21.34 -19.69 2.87
CA MET D 35 -21.99 -20.13 1.65
C MET D 35 -22.31 -21.61 1.59
N ALA D 36 -21.42 -22.44 2.15
CA ALA D 36 -21.62 -23.89 2.16
C ALA D 36 -22.75 -24.32 3.09
N LYS D 37 -22.70 -23.89 4.34
CA LYS D 37 -23.74 -24.24 5.31
C LYS D 37 -24.94 -23.30 5.24
N LYS D 38 -24.81 -22.24 4.44
CA LYS D 38 -25.88 -21.26 4.28
C LYS D 38 -26.35 -20.76 5.64
N GLU D 39 -25.40 -20.27 6.45
CA GLU D 39 -25.73 -19.75 7.76
C GLU D 39 -24.97 -18.49 8.13
N THR D 40 -25.54 -17.73 9.06
CA THR D 40 -24.94 -16.50 9.55
C THR D 40 -23.87 -16.82 10.59
N VAL D 41 -22.64 -16.40 10.34
CA VAL D 41 -21.54 -16.62 11.26
C VAL D 41 -21.10 -15.27 11.85
N TRP D 42 -21.30 -15.10 13.16
CA TRP D 42 -20.94 -13.84 13.82
C TRP D 42 -19.45 -13.83 14.15
N ARG D 43 -18.81 -12.68 14.03
CA ARG D 43 -17.37 -12.57 14.29
C ARG D 43 -17.08 -12.88 15.76
N LEU D 44 -17.94 -12.37 16.64
CA LEU D 44 -17.81 -12.66 18.07
C LEU D 44 -19.12 -13.34 18.47
N GLU D 45 -19.01 -14.49 19.11
CA GLU D 45 -20.17 -15.28 19.54
C GLU D 45 -21.31 -14.49 20.16
N GLU D 46 -20.99 -13.58 21.07
CA GLU D 46 -22.03 -12.80 21.74
C GLU D 46 -22.88 -11.93 20.81
N PHE D 47 -22.37 -11.59 19.64
CA PHE D 47 -23.14 -10.77 18.70
C PHE D 47 -24.45 -11.45 18.37
N GLY D 48 -24.41 -12.77 18.24
CA GLY D 48 -25.60 -13.53 17.89
C GLY D 48 -26.70 -13.53 18.94
N ARG D 49 -26.38 -13.18 20.17
CA ARG D 49 -27.39 -13.16 21.22
C ARG D 49 -28.11 -11.81 21.28
N PHE D 50 -27.62 -10.83 20.51
CA PHE D 50 -28.22 -9.50 20.49
C PHE D 50 -28.94 -9.18 19.18
N ALA D 51 -28.58 -9.90 18.12
CA ALA D 51 -29.20 -9.65 16.82
C ALA D 51 -29.29 -10.90 15.96
N SER D 52 -29.94 -10.74 14.81
CA SER D 52 -30.11 -11.85 13.89
C SER D 52 -30.08 -11.38 12.44
N PHE D 53 -29.87 -12.33 11.54
CA PHE D 53 -29.86 -12.04 10.12
C PHE D 53 -30.22 -13.31 9.34
N GLU D 54 -31.19 -13.19 8.44
CA GLU D 54 -31.60 -14.35 7.63
C GLU D 54 -30.61 -14.61 6.50
N ALA D 55 -29.84 -15.68 6.64
CA ALA D 55 -28.84 -16.05 5.66
C ALA D 55 -29.36 -16.12 4.23
N GLN D 56 -30.61 -16.54 4.07
CA GLN D 56 -31.24 -16.67 2.77
C GLN D 56 -31.06 -15.44 1.87
N GLY D 57 -31.30 -14.25 2.44
CA GLY D 57 -31.16 -13.02 1.69
C GLY D 57 -29.80 -12.85 1.03
N ALA D 58 -28.76 -13.29 1.73
CA ALA D 58 -27.40 -13.18 1.21
C ALA D 58 -27.22 -14.09 0.01
N LEU D 59 -27.73 -15.31 0.10
CA LEU D 59 -27.63 -16.27 -1.00
C LEU D 59 -28.30 -15.75 -2.25
N ALA D 60 -29.41 -15.04 -2.07
CA ALA D 60 -30.13 -14.48 -3.21
C ALA D 60 -29.32 -13.33 -3.81
N ASN D 61 -28.67 -12.55 -2.97
CA ASN D 61 -27.85 -11.43 -3.44
C ASN D 61 -26.65 -11.96 -4.24
N ILE D 62 -26.03 -13.02 -3.76
CA ILE D 62 -24.90 -13.60 -4.45
C ILE D 62 -25.27 -14.08 -5.85
N ALA D 63 -26.48 -14.64 -6.00
CA ALA D 63 -26.93 -15.13 -7.29
C ALA D 63 -26.97 -13.98 -8.29
N VAL D 64 -27.46 -12.83 -7.83
CA VAL D 64 -27.52 -11.66 -8.69
C VAL D 64 -26.13 -11.13 -9.00
N ASP D 65 -25.26 -11.11 -8.00
CA ASP D 65 -23.89 -10.64 -8.19
C ASP D 65 -23.21 -11.51 -9.24
N LYS D 66 -23.44 -12.82 -9.16
CA LYS D 66 -22.85 -13.73 -10.12
C LYS D 66 -23.32 -13.37 -11.52
N ALA D 67 -24.62 -13.11 -11.64
CA ALA D 67 -25.19 -12.75 -12.94
C ALA D 67 -24.69 -11.39 -13.41
N ASN D 68 -24.48 -10.45 -12.49
CA ASN D 68 -23.98 -9.14 -12.89
C ASN D 68 -22.52 -9.20 -13.30
N LEU D 69 -21.75 -10.08 -12.68
CA LEU D 69 -20.34 -10.24 -13.04
C LEU D 69 -20.27 -10.73 -14.49
N GLU D 70 -21.11 -11.71 -14.82
CA GLU D 70 -21.17 -12.28 -16.18
C GLU D 70 -21.39 -11.16 -17.19
N ILE D 71 -22.44 -10.36 -16.95
CA ILE D 71 -22.78 -9.25 -17.83
C ILE D 71 -21.61 -8.27 -17.98
N MET D 72 -21.09 -7.82 -16.84
CA MET D 72 -19.98 -6.86 -16.83
C MET D 72 -18.70 -7.39 -17.51
N THR D 73 -18.39 -8.67 -17.32
CA THR D 73 -17.21 -9.26 -17.93
C THR D 73 -17.27 -9.10 -19.45
N LYS D 74 -18.39 -9.51 -20.02
CA LYS D 74 -18.60 -9.41 -21.46
C LYS D 74 -18.63 -7.95 -21.91
N ARG D 75 -19.27 -7.09 -21.10
CA ARG D 75 -19.35 -5.68 -21.44
C ARG D 75 -17.99 -5.01 -21.41
N SER D 76 -17.11 -5.49 -20.53
CA SER D 76 -15.77 -4.92 -20.43
C SER D 76 -14.90 -5.55 -21.49
N ASN D 77 -15.46 -6.54 -22.18
CA ASN D 77 -14.76 -7.25 -23.23
C ASN D 77 -13.71 -8.18 -22.63
N TYR D 78 -14.10 -8.84 -21.55
CA TYR D 78 -13.25 -9.80 -20.84
C TYR D 78 -11.94 -9.24 -20.31
N THR D 79 -11.99 -8.00 -19.83
CA THR D 79 -10.82 -7.35 -19.26
C THR D 79 -10.63 -8.01 -17.89
N PRO D 80 -9.60 -8.87 -17.74
CA PRO D 80 -9.35 -9.54 -16.45
C PRO D 80 -8.85 -8.56 -15.41
N ILE D 81 -8.91 -8.95 -14.14
CA ILE D 81 -8.44 -8.09 -13.07
C ILE D 81 -6.91 -8.17 -13.03
N THR D 82 -6.29 -7.07 -12.60
CA THR D 82 -4.85 -7.01 -12.47
C THR D 82 -4.51 -7.45 -11.04
N ASN D 83 -3.67 -8.47 -10.91
CA ASN D 83 -3.29 -8.94 -9.58
C ASN D 83 -2.50 -7.87 -8.84
N VAL D 84 -2.81 -7.68 -7.56
CA VAL D 84 -2.10 -6.73 -6.72
C VAL D 84 -1.64 -7.54 -5.51
N PRO D 85 -0.34 -7.86 -5.44
CA PRO D 85 0.25 -8.63 -4.34
C PRO D 85 0.02 -7.97 -2.99
N PRO D 86 -0.11 -8.78 -1.94
CA PRO D 86 -0.33 -8.27 -0.58
C PRO D 86 0.89 -7.86 0.21
N GLU D 87 0.66 -7.01 1.20
CA GLU D 87 1.70 -6.58 2.12
C GLU D 87 1.40 -7.50 3.30
N VAL D 88 2.42 -8.14 3.85
CA VAL D 88 2.21 -9.05 4.96
C VAL D 88 3.03 -8.62 6.17
N THR D 89 2.41 -8.64 7.35
CA THR D 89 3.06 -8.25 8.58
C THR D 89 2.68 -9.24 9.67
N VAL D 90 3.64 -9.58 10.53
CA VAL D 90 3.34 -10.49 11.63
C VAL D 90 3.62 -9.79 12.94
N LEU D 91 2.67 -9.83 13.85
CA LEU D 91 2.81 -9.19 15.14
C LEU D 91 2.11 -10.06 16.19
N THR D 92 2.38 -9.75 17.45
CA THR D 92 1.75 -10.45 18.55
C THR D 92 0.64 -9.50 18.95
N ASN D 93 -0.42 -9.99 19.60
CA ASN D 93 -1.48 -9.08 19.97
C ASN D 93 -1.20 -8.41 21.31
N SER D 94 -0.08 -8.77 21.93
CA SER D 94 0.35 -8.17 23.20
C SER D 94 1.84 -8.41 23.41
N PRO D 95 2.49 -7.58 24.25
CA PRO D 95 3.92 -7.76 24.49
C PRO D 95 4.20 -9.18 24.97
N VAL D 96 5.17 -9.84 24.34
CA VAL D 96 5.52 -11.21 24.65
C VAL D 96 6.37 -11.46 25.88
N GLU D 97 5.92 -12.43 26.69
CA GLU D 97 6.63 -12.83 27.90
C GLU D 97 6.80 -14.34 27.85
N LEU D 98 8.04 -14.80 27.99
CA LEU D 98 8.35 -16.23 27.94
C LEU D 98 7.35 -17.09 28.70
N ARG D 99 6.86 -18.14 28.03
CA ARG D 99 5.90 -19.08 28.60
C ARG D 99 4.54 -18.49 29.00
N GLU D 100 4.17 -17.37 28.39
CA GLU D 100 2.89 -16.73 28.66
C GLU D 100 2.07 -16.78 27.38
N PRO D 101 0.91 -17.46 27.40
CA PRO D 101 0.08 -17.55 26.20
C PRO D 101 0.00 -16.22 25.47
N ASN D 102 0.08 -16.27 24.16
CA ASN D 102 0.00 -15.07 23.33
C ASN D 102 -0.58 -15.48 22.00
N VAL D 103 -0.72 -14.51 21.09
CA VAL D 103 -1.26 -14.79 19.77
C VAL D 103 -0.47 -14.10 18.67
N LEU D 104 -0.12 -14.85 17.64
CA LEU D 104 0.59 -14.28 16.50
C LEU D 104 -0.48 -13.92 15.49
N ILE D 105 -0.38 -12.71 14.96
CA ILE D 105 -1.33 -12.21 13.98
C ILE D 105 -0.65 -12.00 12.63
N CYS D 106 -1.18 -12.64 11.60
CA CYS D 106 -0.64 -12.46 10.25
C CYS D 106 -1.60 -11.51 9.56
N PHE D 107 -1.13 -10.28 9.33
CA PHE D 107 -1.95 -9.25 8.69
C PHE D 107 -1.62 -9.22 7.20
N ILE D 108 -2.61 -9.58 6.38
CA ILE D 108 -2.45 -9.59 4.92
C ILE D 108 -3.29 -8.43 4.39
N ASP D 109 -2.63 -7.47 3.75
CA ASP D 109 -3.32 -6.27 3.31
C ASP D 109 -3.08 -5.79 1.87
N LYS D 110 -3.97 -4.92 1.41
CA LYS D 110 -3.91 -4.29 0.10
C LYS D 110 -3.70 -5.21 -1.11
N PHE D 111 -4.53 -6.24 -1.25
CA PHE D 111 -4.40 -7.16 -2.37
C PHE D 111 -5.72 -7.46 -3.09
N THR D 112 -5.62 -8.08 -4.25
CA THR D 112 -6.77 -8.47 -5.06
C THR D 112 -6.24 -9.31 -6.22
N PRO D 113 -7.01 -10.31 -6.69
CA PRO D 113 -8.34 -10.71 -6.22
C PRO D 113 -8.30 -11.34 -4.83
N PRO D 114 -9.47 -11.47 -4.19
CA PRO D 114 -9.58 -12.06 -2.85
C PRO D 114 -9.41 -13.57 -2.82
N VAL D 115 -8.16 -14.00 -2.96
CA VAL D 115 -7.81 -15.41 -2.94
C VAL D 115 -6.37 -15.51 -2.44
N VAL D 116 -6.19 -16.19 -1.31
CA VAL D 116 -4.85 -16.37 -0.75
C VAL D 116 -4.75 -17.71 -0.05
N ASN D 117 -3.53 -18.22 0.05
CA ASN D 117 -3.28 -19.47 0.75
C ASN D 117 -2.31 -19.08 1.83
N VAL D 118 -2.72 -19.29 3.07
CA VAL D 118 -1.90 -18.94 4.22
C VAL D 118 -1.71 -20.17 5.10
N THR D 119 -0.48 -20.38 5.53
CA THR D 119 -0.17 -21.50 6.42
C THR D 119 0.83 -20.98 7.43
N TRP D 120 0.74 -21.51 8.65
CA TRP D 120 1.65 -21.11 9.70
C TRP D 120 2.74 -22.18 9.77
N LEU D 121 3.96 -21.75 10.07
CA LEU D 121 5.07 -22.66 10.17
C LEU D 121 5.82 -22.45 11.47
N ARG D 122 6.06 -23.54 12.19
CA ARG D 122 6.82 -23.47 13.44
C ARG D 122 8.08 -24.26 13.14
N ASN D 123 9.22 -23.60 13.20
CA ASN D 123 10.48 -24.25 12.91
C ASN D 123 10.35 -24.99 11.58
N GLY D 124 9.71 -24.34 10.62
CA GLY D 124 9.54 -24.91 9.29
C GLY D 124 8.41 -25.89 9.05
N LYS D 125 7.73 -26.32 10.11
CA LYS D 125 6.64 -27.28 9.94
C LYS D 125 5.26 -26.67 10.17
N PRO D 126 4.31 -26.96 9.27
CA PRO D 126 2.95 -26.42 9.38
C PRO D 126 2.28 -26.71 10.71
N VAL D 127 1.53 -25.73 11.20
CA VAL D 127 0.82 -25.82 12.47
C VAL D 127 -0.64 -25.45 12.20
N THR D 128 -1.55 -26.16 12.85
CA THR D 128 -2.99 -25.91 12.65
C THR D 128 -3.75 -25.86 13.96
N THR D 129 -3.12 -26.30 15.04
CA THR D 129 -3.76 -26.30 16.33
C THR D 129 -4.17 -24.92 16.82
N GLY D 130 -5.48 -24.72 16.95
CA GLY D 130 -6.00 -23.46 17.43
C GLY D 130 -6.02 -22.29 16.47
N VAL D 131 -5.49 -22.46 15.26
CA VAL D 131 -5.48 -21.36 14.30
C VAL D 131 -6.88 -20.98 13.83
N SER D 132 -7.07 -19.70 13.53
CA SER D 132 -8.34 -19.19 13.04
C SER D 132 -8.05 -18.07 12.05
N GLU D 133 -9.08 -17.57 11.38
CA GLU D 133 -8.88 -16.53 10.40
C GLU D 133 -10.18 -15.78 10.14
N THR D 134 -10.08 -14.62 9.50
CA THR D 134 -11.24 -13.82 9.18
C THR D 134 -11.52 -14.01 7.70
N VAL D 135 -12.63 -13.48 7.21
CA VAL D 135 -12.93 -13.58 5.79
C VAL D 135 -12.22 -12.37 5.15
N PHE D 136 -12.49 -12.12 3.88
CA PHE D 136 -11.85 -10.99 3.22
C PHE D 136 -12.57 -9.70 3.59
N LEU D 137 -11.84 -8.78 4.20
CA LEU D 137 -12.42 -7.50 4.60
C LEU D 137 -12.23 -6.47 3.49
N PRO D 138 -13.23 -5.61 3.26
CA PRO D 138 -13.14 -4.58 2.21
C PRO D 138 -12.30 -3.37 2.59
N ARG D 139 -11.78 -2.69 1.57
CA ARG D 139 -10.99 -1.49 1.75
C ARG D 139 -11.59 -0.43 0.84
N GLU D 140 -11.37 0.84 1.17
CA GLU D 140 -11.89 1.94 0.37
C GLU D 140 -11.31 1.95 -1.04
N ASP D 141 -10.08 1.47 -1.20
CA ASP D 141 -9.47 1.43 -2.53
C ASP D 141 -9.96 0.21 -3.30
N HIS D 142 -10.85 -0.56 -2.68
CA HIS D 142 -11.45 -1.75 -3.27
C HIS D 142 -10.60 -2.99 -3.30
N LEU D 143 -9.50 -2.96 -2.56
CA LEU D 143 -8.61 -4.11 -2.43
C LEU D 143 -9.14 -4.81 -1.17
N PHE D 144 -8.44 -5.83 -0.67
CA PHE D 144 -8.91 -6.56 0.50
C PHE D 144 -7.90 -6.68 1.63
N ARG D 145 -8.40 -7.09 2.80
CA ARG D 145 -7.58 -7.30 4.00
C ARG D 145 -8.00 -8.64 4.56
N LYS D 146 -7.12 -9.31 5.28
CA LYS D 146 -7.44 -10.60 5.87
C LYS D 146 -6.49 -10.85 7.04
N PHE D 147 -7.01 -11.44 8.10
CA PHE D 147 -6.19 -11.74 9.28
C PHE D 147 -6.15 -13.23 9.58
N HIS D 148 -4.99 -13.72 9.97
CA HIS D 148 -4.83 -15.11 10.36
C HIS D 148 -4.24 -15.11 11.75
N TYR D 149 -4.73 -16.00 12.61
CA TYR D 149 -4.26 -16.05 13.99
C TYR D 149 -3.65 -17.38 14.39
N LEU D 150 -2.68 -17.32 15.31
CA LEU D 150 -2.02 -18.51 15.78
C LEU D 150 -1.69 -18.41 17.26
N PRO D 151 -2.50 -19.03 18.12
CA PRO D 151 -2.21 -18.97 19.57
C PRO D 151 -0.92 -19.74 19.77
N PHE D 152 -0.07 -19.27 20.67
CA PHE D 152 1.19 -19.97 20.89
C PHE D 152 1.79 -19.67 22.25
N LEU D 153 2.81 -20.44 22.62
CA LEU D 153 3.50 -20.25 23.88
C LEU D 153 4.90 -19.76 23.58
N PRO D 154 5.18 -18.49 23.88
CA PRO D 154 6.48 -17.87 23.64
C PRO D 154 7.64 -18.62 24.25
N SER D 155 8.72 -18.75 23.49
CA SER D 155 9.93 -19.42 23.96
C SER D 155 11.08 -18.98 23.07
N THR D 156 12.30 -19.22 23.53
CA THR D 156 13.48 -18.84 22.78
C THR D 156 13.84 -19.94 21.79
N GLU D 157 13.13 -21.06 21.87
CA GLU D 157 13.43 -22.21 21.01
C GLU D 157 12.74 -22.25 19.64
N ASP D 158 11.56 -21.63 19.55
CA ASP D 158 10.83 -21.68 18.28
C ASP D 158 10.90 -20.42 17.43
N VAL D 159 10.73 -20.61 16.12
CA VAL D 159 10.70 -19.53 15.16
C VAL D 159 9.44 -19.76 14.34
N TYR D 160 8.75 -18.69 13.97
CA TYR D 160 7.53 -18.83 13.19
C TYR D 160 7.60 -18.06 11.90
N ASP D 161 6.72 -18.43 10.97
CA ASP D 161 6.62 -17.78 9.68
C ASP D 161 5.19 -17.86 9.22
N CYS D 162 4.74 -16.82 8.55
CA CYS D 162 3.42 -16.81 7.97
C CYS D 162 3.74 -16.91 6.48
N ARG D 163 3.36 -18.04 5.88
CA ARG D 163 3.61 -18.28 4.46
C ARG D 163 2.36 -17.92 3.67
N VAL D 164 2.49 -16.95 2.78
CA VAL D 164 1.35 -16.47 1.99
C VAL D 164 1.54 -16.69 0.49
N GLU D 165 0.52 -17.22 -0.15
CA GLU D 165 0.55 -17.47 -1.59
C GLU D 165 -0.53 -16.64 -2.28
N HIS D 166 -0.14 -15.87 -3.29
CA HIS D 166 -1.08 -15.03 -4.01
C HIS D 166 -0.59 -14.91 -5.45
N TRP D 167 -1.51 -14.85 -6.41
CA TRP D 167 -1.12 -14.77 -7.81
C TRP D 167 -0.33 -13.53 -8.19
N GLY D 168 -0.35 -12.51 -7.33
CA GLY D 168 0.41 -11.31 -7.62
C GLY D 168 1.87 -11.47 -7.21
N LEU D 169 2.14 -12.54 -6.46
CA LEU D 169 3.49 -12.83 -5.98
C LEU D 169 4.20 -13.82 -6.90
N ASP D 170 5.47 -13.55 -7.19
CA ASP D 170 6.25 -14.44 -8.04
C ASP D 170 6.54 -15.74 -7.28
N GLU D 171 6.71 -15.60 -5.96
CA GLU D 171 7.01 -16.75 -5.11
C GLU D 171 6.31 -16.60 -3.76
N PRO D 172 6.02 -17.73 -3.10
CA PRO D 172 5.34 -17.65 -1.80
C PRO D 172 6.15 -16.72 -0.91
N LEU D 173 5.45 -15.94 -0.10
CA LEU D 173 6.10 -14.99 0.79
C LEU D 173 6.09 -15.47 2.23
N LEU D 174 7.24 -15.40 2.89
CA LEU D 174 7.34 -15.80 4.28
C LEU D 174 7.68 -14.60 5.15
N LYS D 175 6.86 -14.37 6.18
CA LYS D 175 7.11 -13.29 7.13
C LYS D 175 7.51 -14.00 8.41
N HIS D 176 8.73 -13.73 8.85
CA HIS D 176 9.37 -14.34 10.01
C HIS D 176 9.12 -13.63 11.34
N TRP D 177 9.09 -14.42 12.41
CA TRP D 177 8.90 -13.90 13.77
C TRP D 177 9.55 -14.87 14.76
N GLU D 178 10.25 -14.30 15.73
CA GLU D 178 10.89 -15.08 16.77
C GLU D 178 11.16 -14.15 17.94
N PHE D 179 11.14 -14.71 19.14
CA PHE D 179 11.40 -13.95 20.36
C PHE D 179 12.91 -13.94 20.62
N ASP D 180 13.40 -12.91 21.30
CA ASP D 180 14.83 -12.81 21.61
C ASP D 180 15.09 -12.01 22.90
N GLY E 1 -0.01 -25.45 -12.83
CA GLY E 1 -0.23 -24.12 -12.18
C GLY E 1 -1.52 -23.47 -12.62
N ASP E 2 -1.82 -22.31 -12.05
CA ASP E 2 -3.04 -21.59 -12.41
C ASP E 2 -2.73 -20.16 -12.86
N THR E 3 -3.05 -19.86 -14.11
CA THR E 3 -2.79 -18.55 -14.69
C THR E 3 -4.01 -17.92 -15.36
N ARG E 4 -5.14 -18.63 -15.31
CA ARG E 4 -6.38 -18.16 -15.91
C ARG E 4 -6.74 -16.75 -15.41
N PRO E 5 -7.23 -15.89 -16.32
CA PRO E 5 -7.60 -14.52 -15.91
C PRO E 5 -8.79 -14.50 -14.96
N ARG E 6 -8.82 -13.53 -14.06
CA ARG E 6 -9.91 -13.44 -13.10
C ARG E 6 -10.78 -12.22 -13.35
N PHE E 7 -12.04 -12.34 -12.97
CA PHE E 7 -13.02 -11.27 -13.10
C PHE E 7 -13.71 -11.16 -11.75
N LEU E 8 -13.70 -9.97 -11.18
CA LEU E 8 -14.29 -9.73 -9.87
C LEU E 8 -15.43 -8.73 -9.89
N TRP E 9 -16.44 -8.94 -9.06
CA TRP E 9 -17.57 -8.01 -8.98
C TRP E 9 -17.83 -7.79 -7.49
N GLN E 10 -17.97 -6.53 -7.11
CA GLN E 10 -18.21 -6.19 -5.73
C GLN E 10 -19.37 -5.24 -5.64
N LEU E 11 -20.15 -5.39 -4.58
CA LEU E 11 -21.27 -4.52 -4.30
C LEU E 11 -21.09 -4.09 -2.85
N LYS E 12 -21.20 -2.79 -2.60
CA LYS E 12 -21.04 -2.28 -1.25
C LYS E 12 -22.08 -1.22 -0.95
N PHE E 13 -22.72 -1.35 0.21
CA PHE E 13 -23.69 -0.38 0.67
C PHE E 13 -23.05 0.18 1.94
N GLU E 14 -22.67 1.45 1.90
CA GLU E 14 -22.01 2.08 3.05
C GLU E 14 -22.91 3.11 3.68
N CYS E 15 -23.16 2.94 4.97
CA CYS E 15 -23.97 3.87 5.73
C CYS E 15 -23.04 4.72 6.60
N HIS E 16 -23.02 6.02 6.31
CA HIS E 16 -22.19 6.99 7.02
C HIS E 16 -23.01 7.76 8.05
N PHE E 17 -22.61 7.67 9.31
CA PHE E 17 -23.32 8.34 10.40
C PHE E 17 -22.57 9.50 11.03
N PHE E 18 -23.26 10.64 11.13
CA PHE E 18 -22.69 11.84 11.74
C PHE E 18 -23.57 12.27 12.90
N ASN E 19 -22.97 12.68 14.02
CA ASN E 19 -23.71 13.13 15.20
C ASN E 19 -24.80 12.10 15.53
N GLY E 20 -24.38 10.92 15.96
CA GLY E 20 -25.34 9.87 16.26
C GLY E 20 -25.97 9.47 14.93
N THR E 21 -27.29 9.58 14.82
CA THR E 21 -27.96 9.27 13.58
C THR E 21 -28.71 10.50 13.09
N GLU E 22 -28.24 11.67 13.53
CA GLU E 22 -28.84 12.94 13.16
C GLU E 22 -28.65 13.20 11.68
N ARG E 23 -27.47 12.84 11.17
CA ARG E 23 -27.12 13.01 9.76
C ARG E 23 -26.64 11.67 9.22
N VAL E 24 -27.28 11.18 8.16
CA VAL E 24 -26.91 9.91 7.58
C VAL E 24 -26.79 9.98 6.06
N ARG E 25 -25.73 9.37 5.53
CA ARG E 25 -25.49 9.34 4.10
C ARG E 25 -25.29 7.89 3.65
N LEU E 26 -26.04 7.50 2.64
CA LEU E 26 -25.94 6.15 2.10
C LEU E 26 -25.19 6.20 0.79
N LEU E 27 -24.23 5.31 0.64
CA LEU E 27 -23.44 5.24 -0.59
C LEU E 27 -23.43 3.80 -1.07
N GLU E 28 -24.09 3.56 -2.21
CA GLU E 28 -24.17 2.24 -2.82
C GLU E 28 -23.20 2.27 -4.00
N ARG E 29 -22.34 1.25 -4.09
CA ARG E 29 -21.38 1.21 -5.19
C ARG E 29 -21.03 -0.18 -5.73
N CYS E 30 -20.85 -0.22 -7.04
CA CYS E 30 -20.50 -1.45 -7.75
C CYS E 30 -19.11 -1.27 -8.30
N ILE E 31 -18.27 -2.27 -8.10
CA ILE E 31 -16.90 -2.19 -8.60
C ILE E 31 -16.66 -3.41 -9.49
N TYR E 32 -16.27 -3.16 -10.74
CA TYR E 32 -16.02 -4.28 -11.62
C TYR E 32 -14.76 -4.97 -11.09
N ASN E 33 -13.57 -4.65 -11.58
CA ASN E 33 -12.40 -5.32 -11.02
C ASN E 33 -11.88 -4.49 -9.86
N GLN E 34 -11.22 -3.39 -10.15
CA GLN E 34 -10.77 -2.51 -9.10
C GLN E 34 -11.32 -1.11 -9.43
N GLU E 35 -12.25 -1.08 -10.36
CA GLU E 35 -12.86 0.16 -10.82
C GLU E 35 -14.35 0.34 -10.46
N GLU E 36 -14.66 1.42 -9.75
CA GLU E 36 -16.05 1.68 -9.41
C GLU E 36 -16.71 2.09 -10.72
N SER E 37 -17.84 1.45 -11.06
CA SER E 37 -18.51 1.78 -12.31
C SER E 37 -19.75 2.64 -12.15
N VAL E 38 -20.53 2.38 -11.10
CA VAL E 38 -21.74 3.13 -10.87
C VAL E 38 -22.05 3.21 -9.38
N ARG E 39 -22.76 4.26 -8.98
CA ARG E 39 -23.08 4.44 -7.57
C ARG E 39 -24.38 5.21 -7.33
N PHE E 40 -24.92 5.02 -6.13
CA PHE E 40 -26.10 5.76 -5.71
C PHE E 40 -25.68 6.50 -4.44
N ASP E 41 -25.75 7.82 -4.48
CA ASP E 41 -25.40 8.66 -3.35
C ASP E 41 -26.68 9.26 -2.83
N SER E 42 -27.06 8.95 -1.59
CA SER E 42 -28.30 9.49 -1.03
C SER E 42 -28.37 11.02 -1.09
N ASP E 43 -27.21 11.68 -1.12
CA ASP E 43 -27.19 13.14 -1.19
C ASP E 43 -27.50 13.62 -2.61
N VAL E 44 -27.36 12.74 -3.58
CA VAL E 44 -27.63 13.08 -4.97
C VAL E 44 -29.07 12.68 -5.32
N GLY E 45 -29.55 11.58 -4.76
CA GLY E 45 -30.91 11.16 -5.01
C GLY E 45 -31.13 10.15 -6.14
N GLU E 46 -30.09 9.91 -6.94
CA GLU E 46 -30.20 8.97 -8.05
C GLU E 46 -28.85 8.37 -8.39
N TYR E 47 -28.85 7.32 -9.21
CA TYR E 47 -27.62 6.67 -9.62
C TYR E 47 -26.83 7.55 -10.57
N ARG E 48 -25.51 7.41 -10.49
CA ARG E 48 -24.61 8.17 -11.37
C ARG E 48 -23.51 7.21 -11.80
N ALA E 49 -23.19 7.26 -13.09
CA ALA E 49 -22.14 6.41 -13.63
C ALA E 49 -20.81 7.04 -13.23
N VAL E 50 -19.88 6.22 -12.80
CA VAL E 50 -18.57 6.73 -12.44
C VAL E 50 -17.68 6.54 -13.66
N THR E 51 -17.71 5.34 -14.23
CA THR E 51 -16.93 5.06 -15.44
C THR E 51 -17.91 4.80 -16.58
N GLU E 52 -17.39 4.74 -17.81
CA GLU E 52 -18.22 4.49 -18.98
C GLU E 52 -18.96 3.16 -18.89
N LEU E 53 -18.37 2.18 -18.22
CA LEU E 53 -18.97 0.86 -18.07
C LEU E 53 -20.28 0.87 -17.30
N GLY E 54 -20.46 1.89 -16.45
CA GLY E 54 -21.66 1.98 -15.64
C GLY E 54 -22.77 2.83 -16.25
N ARG E 55 -22.50 3.41 -17.41
CA ARG E 55 -23.47 4.25 -18.11
C ARG E 55 -24.84 3.58 -18.27
N PRO E 56 -24.88 2.41 -18.94
CA PRO E 56 -26.12 1.67 -19.17
C PRO E 56 -26.96 1.45 -17.92
N ASP E 57 -26.31 1.01 -16.84
CA ASP E 57 -26.99 0.73 -15.58
C ASP E 57 -27.61 1.94 -14.91
N ALA E 58 -26.84 3.03 -14.80
CA ALA E 58 -27.38 4.23 -14.17
C ALA E 58 -28.63 4.69 -14.91
N GLU E 59 -28.55 4.74 -16.24
CA GLU E 59 -29.69 5.12 -17.08
C GLU E 59 -30.86 4.20 -16.82
N TYR E 60 -30.57 2.91 -16.79
CA TYR E 60 -31.57 1.88 -16.54
C TYR E 60 -32.23 2.01 -15.18
N TRP E 61 -31.43 1.85 -14.13
CA TRP E 61 -31.95 1.92 -12.77
C TRP E 61 -32.67 3.23 -12.46
N ASN E 62 -32.24 4.33 -13.09
CA ASN E 62 -32.89 5.61 -12.84
C ASN E 62 -34.25 5.67 -13.53
N SER E 63 -34.53 4.71 -14.41
CA SER E 63 -35.80 4.69 -15.12
C SER E 63 -36.86 3.93 -14.33
N GLN E 64 -36.50 3.40 -13.17
CA GLN E 64 -37.43 2.66 -12.32
C GLN E 64 -37.69 3.45 -11.05
N LYS E 65 -38.77 4.24 -11.05
CA LYS E 65 -39.12 5.05 -9.89
C LYS E 65 -39.20 4.22 -8.61
N ASP E 66 -39.65 2.97 -8.73
CA ASP E 66 -39.79 2.08 -7.57
C ASP E 66 -38.45 1.88 -6.87
N LEU E 67 -37.42 1.61 -7.67
CA LEU E 67 -36.08 1.40 -7.13
C LEU E 67 -35.55 2.69 -6.50
N LEU E 68 -35.72 3.80 -7.22
CA LEU E 68 -35.25 5.09 -6.72
C LEU E 68 -35.89 5.47 -5.39
N GLU E 69 -37.19 5.23 -5.29
CA GLU E 69 -37.93 5.56 -4.08
C GLU E 69 -37.44 4.71 -2.91
N GLN E 70 -37.30 3.41 -3.14
CA GLN E 70 -36.84 2.48 -2.10
C GLN E 70 -35.44 2.87 -1.65
N ARG E 71 -34.58 3.20 -2.60
CA ARG E 71 -33.20 3.60 -2.30
C ARG E 71 -33.17 4.91 -1.52
N ARG E 72 -34.02 5.85 -1.91
CA ARG E 72 -34.08 7.15 -1.23
C ARG E 72 -34.59 7.05 0.22
N ALA E 73 -35.25 5.95 0.56
CA ALA E 73 -35.77 5.77 1.91
C ALA E 73 -34.89 4.82 2.72
N ALA E 74 -33.90 4.23 2.05
CA ALA E 74 -33.00 3.28 2.71
C ALA E 74 -32.23 3.95 3.86
N VAL E 75 -31.98 5.24 3.72
CA VAL E 75 -31.27 5.98 4.76
C VAL E 75 -31.99 5.77 6.09
N ASP E 76 -33.31 5.58 6.02
CA ASP E 76 -34.10 5.36 7.22
C ASP E 76 -34.39 3.88 7.48
N THR E 77 -34.94 3.20 6.47
CA THR E 77 -35.30 1.80 6.59
C THR E 77 -34.13 0.81 6.64
N TYR E 78 -32.97 1.26 6.21
CA TYR E 78 -31.80 0.40 6.18
C TYR E 78 -30.70 0.89 7.12
N CYS E 79 -30.12 2.05 6.79
CA CYS E 79 -29.05 2.61 7.59
C CYS E 79 -29.43 2.84 9.06
N ARG E 80 -30.40 3.72 9.32
CA ARG E 80 -30.82 4.00 10.69
C ARG E 80 -31.30 2.75 11.40
N HIS E 81 -31.95 1.85 10.67
CA HIS E 81 -32.44 0.62 11.27
C HIS E 81 -31.31 -0.27 11.77
N ASN E 82 -30.29 -0.47 10.93
CA ASN E 82 -29.17 -1.32 11.33
C ASN E 82 -28.33 -0.69 12.42
N TYR E 83 -28.24 0.64 12.42
CA TYR E 83 -27.48 1.33 13.45
C TYR E 83 -28.11 1.00 14.80
N GLY E 84 -29.44 1.07 14.86
CA GLY E 84 -30.14 0.78 16.08
C GLY E 84 -30.04 -0.68 16.50
N VAL E 85 -30.09 -1.58 15.52
CA VAL E 85 -30.00 -3.01 15.79
C VAL E 85 -28.69 -3.39 16.48
N GLY E 86 -27.57 -2.88 15.98
CA GLY E 86 -26.29 -3.22 16.58
C GLY E 86 -25.68 -2.24 17.56
N GLU E 87 -26.33 -1.10 17.77
CA GLU E 87 -25.81 -0.07 18.67
C GLU E 87 -25.22 -0.58 19.99
N SER E 88 -25.94 -1.43 20.70
CA SER E 88 -25.49 -1.95 21.98
C SER E 88 -24.12 -2.64 21.99
N PHE E 89 -23.82 -3.44 20.97
CA PHE E 89 -22.53 -4.12 20.96
C PHE E 89 -21.47 -3.54 20.02
N THR E 90 -21.80 -2.43 19.35
CA THR E 90 -20.85 -1.79 18.43
C THR E 90 -20.47 -0.35 18.84
N VAL E 91 -21.38 0.61 18.64
CA VAL E 91 -21.15 2.03 18.99
C VAL E 91 -20.78 2.25 20.45
N GLN E 92 -21.34 1.41 21.31
CA GLN E 92 -21.11 1.53 22.74
C GLN E 92 -20.10 0.52 23.30
N ARG E 93 -19.45 -0.24 22.43
CA ARG E 93 -18.45 -1.20 22.88
C ARG E 93 -17.24 -0.47 23.48
N ARG E 94 -16.80 -0.91 24.65
CA ARG E 94 -15.64 -0.32 25.32
C ARG E 94 -14.80 -1.38 26.01
N VAL E 95 -13.52 -1.44 25.64
CA VAL E 95 -12.60 -2.41 26.23
C VAL E 95 -11.35 -1.64 26.63
N GLU E 96 -11.02 -1.70 27.91
CA GLU E 96 -9.87 -0.99 28.44
C GLU E 96 -8.53 -1.53 27.97
N PRO E 97 -7.61 -0.63 27.62
CA PRO E 97 -6.29 -1.05 27.15
C PRO E 97 -5.41 -1.56 28.28
N LYS E 98 -4.51 -2.48 27.93
CA LYS E 98 -3.55 -3.02 28.88
C LYS E 98 -2.28 -2.24 28.56
N VAL E 99 -1.74 -1.53 29.54
CA VAL E 99 -0.55 -0.73 29.32
C VAL E 99 0.70 -1.30 29.99
N THR E 100 1.75 -1.45 29.19
CA THR E 100 3.01 -1.98 29.70
C THR E 100 4.17 -1.14 29.18
N VAL E 101 5.15 -0.91 30.04
CA VAL E 101 6.33 -0.14 29.66
C VAL E 101 7.59 -0.95 29.85
N TYR E 102 8.43 -0.97 28.82
CA TYR E 102 9.68 -1.71 28.89
C TYR E 102 10.72 -1.11 27.96
N PRO E 103 12.00 -1.18 28.35
CA PRO E 103 13.03 -0.63 27.48
C PRO E 103 13.30 -1.59 26.34
N SER E 104 13.56 -1.03 25.17
CA SER E 104 13.87 -1.84 24.00
C SER E 104 15.34 -2.16 24.20
N LYS E 105 15.69 -3.45 24.25
CA LYS E 105 17.08 -3.84 24.47
C LYS E 105 17.57 -3.40 25.84
N THR E 106 18.20 -4.31 26.57
CA THR E 106 18.71 -4.01 27.89
C THR E 106 20.11 -3.42 27.82
N GLN E 107 20.18 -2.08 27.88
CA GLN E 107 21.46 -1.38 27.82
C GLN E 107 21.73 -0.62 29.12
N PRO E 108 23.01 -0.42 29.46
CA PRO E 108 23.38 0.29 30.68
C PRO E 108 23.01 1.77 30.60
N LEU E 109 22.92 2.43 31.75
CA LEU E 109 22.55 3.84 31.79
C LEU E 109 23.49 4.76 31.00
N GLN E 110 23.00 5.96 30.71
CA GLN E 110 23.76 6.96 29.96
C GLN E 110 24.00 6.60 28.49
N HIS E 111 23.33 5.54 28.03
CA HIS E 111 23.43 5.10 26.64
C HIS E 111 22.06 5.19 25.98
N HIS E 112 22.02 5.66 24.75
CA HIS E 112 20.74 5.82 24.07
C HIS E 112 19.90 4.55 24.16
N ASN E 113 18.61 4.72 24.42
CA ASN E 113 17.72 3.58 24.53
C ASN E 113 16.34 3.97 24.01
N LEU E 114 15.54 2.98 23.65
CA LEU E 114 14.21 3.23 23.15
C LEU E 114 13.21 2.71 24.18
N LEU E 115 12.49 3.61 24.84
CA LEU E 115 11.50 3.19 25.82
C LEU E 115 10.19 2.89 25.12
N VAL E 116 9.69 1.67 25.30
CA VAL E 116 8.45 1.27 24.64
C VAL E 116 7.21 1.27 25.54
N CYS E 117 6.17 1.99 25.09
CA CYS E 117 4.91 2.02 25.80
C CYS E 117 3.95 1.20 24.94
N SER E 118 3.66 -0.02 25.38
CA SER E 118 2.76 -0.90 24.66
C SER E 118 1.34 -0.76 25.21
N VAL E 119 0.40 -0.49 24.30
CA VAL E 119 -0.99 -0.30 24.65
C VAL E 119 -1.78 -1.28 23.79
N SER E 120 -2.36 -2.30 24.40
CA SER E 120 -3.07 -3.30 23.62
C SER E 120 -4.44 -3.73 24.12
N GLY E 121 -5.17 -4.42 23.24
CA GLY E 121 -6.49 -4.93 23.55
C GLY E 121 -7.60 -3.91 23.77
N PHE E 122 -7.42 -2.67 23.33
CA PHE E 122 -8.45 -1.66 23.55
C PHE E 122 -9.45 -1.45 22.42
N TYR E 123 -10.54 -0.79 22.75
CA TYR E 123 -11.58 -0.48 21.79
C TYR E 123 -12.51 0.58 22.40
N PRO E 124 -12.90 1.59 21.63
CA PRO E 124 -12.58 1.87 20.22
C PRO E 124 -11.15 2.34 19.96
N GLY E 125 -10.85 2.68 18.70
CA GLY E 125 -9.52 3.11 18.32
C GLY E 125 -9.07 4.47 18.81
N SER E 126 -10.01 5.36 19.09
CA SER E 126 -9.69 6.69 19.58
C SER E 126 -8.85 6.58 20.87
N ILE E 127 -7.62 7.05 20.83
CA ILE E 127 -6.75 6.96 21.99
C ILE E 127 -5.66 8.02 21.96
N GLU E 128 -5.13 8.35 23.14
CA GLU E 128 -4.08 9.35 23.26
C GLU E 128 -2.98 8.83 24.17
N VAL E 129 -1.76 8.83 23.67
CA VAL E 129 -0.62 8.33 24.42
C VAL E 129 0.45 9.42 24.50
N ARG E 130 0.89 9.74 25.71
CA ARG E 130 1.91 10.77 25.90
C ARG E 130 3.02 10.29 26.82
N TRP E 131 4.22 10.79 26.57
CA TRP E 131 5.37 10.43 27.37
C TRP E 131 5.79 11.57 28.29
N PHE E 132 6.14 11.22 29.52
CA PHE E 132 6.57 12.22 30.49
C PHE E 132 7.90 11.83 31.12
N ARG E 133 8.76 12.82 31.29
CA ARG E 133 10.08 12.61 31.87
C ARG E 133 10.16 13.48 33.13
N ASN E 134 10.21 12.85 34.29
CA ASN E 134 10.27 13.59 35.55
C ASN E 134 9.12 14.60 35.61
N GLY E 135 7.92 14.13 35.30
CA GLY E 135 6.74 14.98 35.35
C GLY E 135 6.48 15.91 34.17
N GLN E 136 7.43 16.03 33.25
CA GLN E 136 7.25 16.90 32.10
C GLN E 136 7.08 16.12 30.80
N GLU E 137 6.15 16.57 29.96
CA GLU E 137 5.89 15.91 28.70
C GLU E 137 7.00 16.03 27.68
N GLU E 138 7.36 14.89 27.08
CA GLU E 138 8.39 14.84 26.03
C GLU E 138 7.65 14.81 24.70
N LYS E 139 7.72 15.89 23.95
CA LYS E 139 7.06 15.95 22.65
C LYS E 139 7.95 15.49 21.51
N ALA E 140 9.27 15.53 21.73
CA ALA E 140 10.23 15.13 20.71
C ALA E 140 10.76 13.71 20.91
N GLY E 141 11.26 13.12 19.82
CA GLY E 141 11.81 11.78 19.89
C GLY E 141 10.80 10.70 20.18
N VAL E 142 9.56 10.90 19.74
CA VAL E 142 8.50 9.94 19.95
C VAL E 142 8.28 9.19 18.64
N VAL E 143 8.50 7.88 18.65
CA VAL E 143 8.30 7.06 17.45
C VAL E 143 7.06 6.21 17.63
N SER E 144 6.01 6.53 16.88
CA SER E 144 4.78 5.80 17.00
C SER E 144 4.49 4.85 15.85
N THR E 145 3.85 3.74 16.20
CA THR E 145 3.50 2.71 15.25
C THR E 145 2.17 3.11 14.59
N GLY E 146 1.44 4.01 15.26
CA GLY E 146 0.15 4.43 14.76
C GLY E 146 -0.86 3.45 15.30
N LEU E 147 -2.11 3.57 14.87
CA LEU E 147 -3.17 2.67 15.32
C LEU E 147 -3.14 1.37 14.53
N ILE E 148 -3.11 0.24 15.24
CA ILE E 148 -3.09 -1.07 14.60
C ILE E 148 -4.36 -1.83 14.94
N GLN E 149 -5.17 -2.11 13.92
CA GLN E 149 -6.44 -2.83 14.09
C GLN E 149 -6.13 -4.33 14.01
N ASN E 150 -6.47 -5.07 15.05
CA ASN E 150 -6.18 -6.51 15.09
C ASN E 150 -7.14 -7.43 14.36
N GLY E 151 -8.27 -6.89 13.92
CA GLY E 151 -9.23 -7.71 13.20
C GLY E 151 -10.23 -8.46 14.08
N ASP E 152 -10.07 -8.36 15.38
CA ASP E 152 -10.95 -9.03 16.34
C ASP E 152 -11.66 -8.03 17.26
N TRP E 153 -11.93 -6.84 16.74
CA TRP E 153 -12.59 -5.79 17.52
C TRP E 153 -11.69 -5.35 18.66
N THR E 154 -10.40 -5.30 18.38
CA THR E 154 -9.39 -4.90 19.34
C THR E 154 -8.30 -4.13 18.59
N PHE E 155 -7.71 -3.14 19.26
CA PHE E 155 -6.63 -2.36 18.68
C PHE E 155 -5.39 -2.44 19.55
N GLN E 156 -4.27 -1.99 19.01
CA GLN E 156 -3.03 -1.92 19.77
C GLN E 156 -2.20 -0.81 19.15
N THR E 157 -1.19 -0.36 19.87
CA THR E 157 -0.30 0.68 19.39
C THR E 157 0.94 0.66 20.27
N LEU E 158 2.09 0.94 19.68
CA LEU E 158 3.36 0.99 20.40
C LEU E 158 3.92 2.39 20.18
N VAL E 159 4.12 3.12 21.28
CA VAL E 159 4.65 4.46 21.21
C VAL E 159 5.97 4.44 21.97
N MET E 160 7.05 4.65 21.22
CA MET E 160 8.39 4.60 21.79
C MET E 160 9.02 5.99 21.94
N LEU E 161 9.80 6.14 23.01
CA LEU E 161 10.47 7.40 23.26
C LEU E 161 11.99 7.22 23.16
N GLU E 162 12.64 8.13 22.44
CA GLU E 162 14.09 8.07 22.31
C GLU E 162 14.70 8.71 23.55
N THR E 163 15.52 7.95 24.27
CA THR E 163 16.11 8.51 25.48
C THR E 163 17.54 8.09 25.80
N VAL E 164 18.08 8.78 26.79
CA VAL E 164 19.42 8.52 27.30
C VAL E 164 19.17 8.50 28.81
N PRO E 165 18.69 7.36 29.32
CA PRO E 165 18.40 7.18 30.74
C PRO E 165 19.55 7.47 31.68
N ARG E 166 19.24 8.12 32.79
CA ARG E 166 20.22 8.44 33.81
C ARG E 166 19.57 8.12 35.14
N SER E 167 20.32 7.44 36.01
CA SER E 167 19.83 7.05 37.31
C SER E 167 19.06 8.17 38.01
N GLY E 168 17.90 7.84 38.55
CA GLY E 168 17.08 8.83 39.24
C GLY E 168 15.92 9.32 38.40
N GLU E 169 16.00 9.09 37.09
CA GLU E 169 14.93 9.53 36.19
C GLU E 169 13.74 8.60 36.22
N VAL E 170 12.55 9.19 36.17
CA VAL E 170 11.32 8.43 36.16
C VAL E 170 10.58 8.83 34.89
N TYR E 171 10.30 7.85 34.05
CA TYR E 171 9.59 8.07 32.80
C TYR E 171 8.18 7.52 32.92
N THR E 172 7.20 8.30 32.50
CA THR E 172 5.82 7.87 32.60
C THR E 172 5.05 7.90 31.28
N CYS E 173 4.33 6.83 31.01
CA CYS E 173 3.51 6.76 29.81
C CYS E 173 2.09 7.07 30.29
N GLN E 174 1.46 8.06 29.68
CA GLN E 174 0.09 8.43 30.06
C GLN E 174 -0.86 8.06 28.93
N VAL E 175 -1.94 7.36 29.26
CA VAL E 175 -2.90 6.92 28.26
C VAL E 175 -4.35 7.35 28.55
N GLU E 176 -4.96 8.02 27.56
CA GLU E 176 -6.33 8.46 27.67
C GLU E 176 -7.16 7.68 26.66
N HIS E 177 -8.29 7.14 27.12
CA HIS E 177 -9.18 6.34 26.28
C HIS E 177 -10.60 6.44 26.84
N PRO E 178 -11.61 6.32 25.98
CA PRO E 178 -13.02 6.41 26.41
C PRO E 178 -13.45 5.38 27.46
N SER E 179 -12.63 4.37 27.69
CA SER E 179 -12.98 3.34 28.66
C SER E 179 -12.60 3.67 30.10
N VAL E 180 -11.89 4.78 30.29
CA VAL E 180 -11.46 5.17 31.63
C VAL E 180 -11.66 6.66 31.84
N THR E 181 -12.12 7.04 33.02
CA THR E 181 -12.37 8.44 33.33
C THR E 181 -11.07 9.21 33.52
N SER E 182 -10.16 8.65 34.32
CA SER E 182 -8.87 9.29 34.54
C SER E 182 -7.86 8.51 33.69
N PRO E 183 -6.83 9.20 33.20
CA PRO E 183 -5.81 8.53 32.37
C PRO E 183 -5.02 7.45 33.10
N LEU E 184 -4.61 6.44 32.35
CA LEU E 184 -3.81 5.35 32.90
C LEU E 184 -2.35 5.78 32.80
N THR E 185 -1.53 5.37 33.76
CA THR E 185 -0.13 5.72 33.74
C THR E 185 0.72 4.56 34.22
N VAL E 186 1.86 4.36 33.57
CA VAL E 186 2.79 3.32 33.96
C VAL E 186 4.15 3.99 34.02
N GLU E 187 4.87 3.78 35.12
CA GLU E 187 6.18 4.39 35.28
C GLU E 187 7.32 3.41 35.10
N TRP E 188 8.44 3.94 34.63
CA TRP E 188 9.65 3.15 34.45
C TRP E 188 10.74 4.05 35.00
N ARG E 189 11.55 3.56 35.93
CA ARG E 189 12.61 4.39 36.49
C ARG E 189 13.98 3.90 36.07
N ALA E 190 14.87 4.85 35.78
CA ALA E 190 16.22 4.52 35.36
C ALA E 190 16.94 3.70 36.44
N ALA F 1 -33.37 -7.89 17.72
CA ALA F 1 -33.55 -7.10 16.47
C ALA F 1 -32.85 -7.78 15.29
N ALA F 2 -33.35 -7.54 14.09
CA ALA F 2 -32.79 -8.16 12.90
C ALA F 2 -32.18 -7.16 11.92
N TYR F 3 -31.07 -7.57 11.31
CA TYR F 3 -30.39 -6.74 10.32
C TYR F 3 -31.10 -6.80 8.98
N SER F 4 -31.28 -5.65 8.35
CA SER F 4 -31.90 -5.59 7.04
C SER F 4 -30.78 -5.49 6.03
N ASP F 5 -30.92 -6.15 4.89
CA ASP F 5 -29.90 -6.09 3.87
C ASP F 5 -30.50 -5.44 2.64
N GLN F 6 -29.68 -4.69 1.91
CA GLN F 6 -30.15 -4.06 0.69
C GLN F 6 -30.02 -5.11 -0.38
N ALA F 7 -31.03 -5.22 -1.23
CA ALA F 7 -31.01 -6.19 -2.31
C ALA F 7 -30.31 -5.59 -3.52
N THR F 8 -29.56 -6.43 -4.22
CA THR F 8 -28.84 -5.99 -5.41
C THR F 8 -29.77 -5.98 -6.63
N PRO F 9 -29.67 -4.96 -7.48
CA PRO F 9 -30.53 -4.91 -8.66
C PRO F 9 -29.75 -5.44 -9.86
N LEU F 10 -30.42 -6.16 -10.76
CA LEU F 10 -29.74 -6.67 -11.93
C LEU F 10 -29.30 -5.55 -12.88
N LEU F 11 -28.09 -5.70 -13.40
CA LEU F 11 -27.49 -4.74 -14.32
C LEU F 11 -28.24 -4.67 -15.65
N LEU F 12 -27.77 -3.78 -16.51
CA LEU F 12 -28.33 -3.60 -17.84
C LEU F 12 -27.97 -4.77 -18.73
N SER F 13 -28.84 -5.09 -19.68
CA SER F 13 -28.61 -6.18 -20.60
C SER F 13 -27.47 -5.86 -21.58
#